data_9O0I
#
_entry.id   9O0I
#
_cell.length_a   1.00
_cell.length_b   1.00
_cell.length_c   1.00
_cell.angle_alpha   90.00
_cell.angle_beta   90.00
_cell.angle_gamma   90.00
#
_symmetry.space_group_name_H-M   'P 1'
#
loop_
_entity.id
_entity.type
_entity.pdbx_description
1 polymer 'Kiwa protein KwaA'
2 polymer 'Kiwa protein KwaB'
#
loop_
_entity_poly.entity_id
_entity_poly.type
_entity_poly.pdbx_seq_one_letter_code
_entity_poly.pdbx_strand_id
1 'polypeptide(L)'
;MQRNTYNKVGLYILSLAMLFVFIIILTAKIPFCFTSDCSFIGLKKLVLTNIVPIVCFVFFLFSIYFYNRLKNITKYNGQD
SVKITSCQSESYESLTFLATYIVPFMGFSFEDMQKNIAYLLLVVVIGIIFIKTDKYYANPTLALFGFKLYRVNILHPGSG
ETKNLIAISNDVLKVDDNVYYSFFDEFVFIARKKIDYKDDDDK
;
G
2 'polypeptide(L)'
;MTTQQLKEKISKIIDNFSGIRVVFTTTANELKLSRIEGSALNSIAEGFIDKIKEDIINNEDLTSPLLSNFDDRKNALFKF
DYEQYPEEFNKITQAIAIPPNSQDYYNPLNKFTDVKGIIILISGDNKCLALYKNKTNLAVLRNSRKMFNLVPDPDGYLKQ
LPNEILRLDFNYDLFSIGEDFYIKNHKTLETQMKFHQVIEAQAVIALNSLRDSLLIEDISGLEKSSREISFARKLAKISK
HSPVLGKIDTKTIIDYVSQHKYLSAILQINEAGDKLLIKTKTSQKHFIKLMSDDYLQSDLTKIIYMSIAKDRLDEHHHHH
H
;
H,J
#
# COMPACT_ATOMS: atom_id res chain seq x y z
N MET A 1 -18.55 16.09 -33.91
CA MET A 1 -17.13 15.85 -34.15
C MET A 1 -16.38 15.63 -32.84
N GLN A 2 -15.21 16.26 -32.73
CA GLN A 2 -14.34 16.28 -31.54
C GLN A 2 -13.78 14.90 -31.19
N ARG A 3 -12.99 14.85 -30.11
CA ARG A 3 -12.35 13.66 -29.51
C ARG A 3 -11.62 12.87 -30.60
N ASN A 4 -12.14 11.73 -31.08
CA ASN A 4 -11.50 10.91 -32.10
C ASN A 4 -11.38 11.65 -33.42
N THR A 5 -12.43 12.41 -33.79
CA THR A 5 -12.41 13.20 -35.02
C THR A 5 -11.31 14.26 -34.97
N TYR A 6 -11.16 14.93 -33.83
CA TYR A 6 -10.08 15.90 -33.66
C TYR A 6 -8.71 15.23 -33.68
N ASN A 7 -8.62 14.01 -33.14
CA ASN A 7 -7.37 13.26 -33.21
C ASN A 7 -6.97 12.93 -34.65
N LYS A 8 -7.95 12.49 -35.45
CA LYS A 8 -7.64 12.19 -36.85
C LYS A 8 -7.34 13.45 -37.65
N VAL A 9 -8.00 14.57 -37.32
CA VAL A 9 -7.69 15.85 -37.95
C VAL A 9 -6.27 16.28 -37.62
N GLY A 10 -5.86 16.10 -36.35
CA GLY A 10 -4.49 16.43 -35.98
C GLY A 10 -3.46 15.55 -36.65
N LEU A 11 -3.76 14.26 -36.80
CA LEU A 11 -2.87 13.38 -37.55
C LEU A 11 -2.77 13.76 -39.03
N TYR A 12 -3.88 14.15 -39.66
CA TYR A 12 -3.84 14.57 -41.06
C TYR A 12 -3.07 15.88 -41.25
N ILE A 13 -3.27 16.84 -40.33
CA ILE A 13 -2.55 18.11 -40.40
C ILE A 13 -1.07 17.90 -40.17
N LEU A 14 -0.70 16.96 -39.28
CA LEU A 14 0.70 16.59 -39.11
C LEU A 14 1.25 15.91 -40.36
N SER A 15 0.40 15.13 -41.03
CA SER A 15 0.82 14.46 -42.27
C SER A 15 1.10 15.44 -43.39
N LEU A 16 0.36 16.55 -43.45
CA LEU A 16 0.51 17.49 -44.54
C LEU A 16 1.62 18.53 -44.32
N ALA A 17 2.45 18.36 -43.29
CA ALA A 17 3.52 19.32 -43.00
C ALA A 17 4.58 19.33 -44.09
N MET A 18 4.85 18.17 -44.70
CA MET A 18 5.81 18.11 -45.80
C MET A 18 5.27 18.85 -47.02
N LEU A 19 3.95 18.76 -47.26
CA LEU A 19 3.33 19.56 -48.32
C LEU A 19 3.43 21.04 -48.04
N PHE A 20 3.23 21.44 -46.78
CA PHE A 20 3.30 22.87 -46.43
C PHE A 20 4.71 23.42 -46.63
N VAL A 21 5.72 22.69 -46.18
CA VAL A 21 7.09 23.17 -46.35
C VAL A 21 7.52 23.07 -47.82
N PHE A 22 6.93 22.14 -48.58
CA PHE A 22 7.25 22.02 -50.01
C PHE A 22 6.67 23.19 -50.79
N ILE A 23 5.44 23.61 -50.46
CA ILE A 23 4.88 24.81 -51.08
C ILE A 23 5.66 26.05 -50.65
N ILE A 24 6.16 26.07 -49.41
CA ILE A 24 6.96 27.19 -48.90
C ILE A 24 8.25 27.33 -49.70
N ILE A 25 8.95 26.21 -49.96
CA ILE A 25 10.20 26.32 -50.69
C ILE A 25 9.94 26.53 -52.18
N LEU A 26 8.82 26.02 -52.72
CA LEU A 26 8.53 26.18 -54.13
C LEU A 26 8.15 27.62 -54.47
N THR A 27 7.06 28.12 -53.88
CA THR A 27 6.59 29.47 -54.15
C THR A 27 6.73 30.33 -52.90
N ALA A 28 7.74 31.19 -52.89
CA ALA A 28 7.94 32.16 -51.83
C ALA A 28 8.12 33.58 -52.35
N LYS A 29 8.84 33.74 -53.47
CA LYS A 29 9.10 35.03 -54.14
C LYS A 29 9.77 36.04 -53.20
N ILE A 30 10.68 35.55 -52.35
CA ILE A 30 11.45 36.44 -51.49
C ILE A 30 12.52 37.14 -52.34
N PRO A 31 12.64 38.48 -52.27
CA PRO A 31 13.63 39.17 -53.10
C PRO A 31 15.05 38.94 -52.64
N PHE A 32 15.62 37.80 -53.01
CA PHE A 32 17.00 37.45 -52.69
C PHE A 32 17.94 38.10 -53.70
N CYS A 33 18.15 39.40 -53.52
CA CYS A 33 19.03 40.17 -54.36
C CYS A 33 20.36 40.42 -53.66
N PHE A 34 21.45 40.17 -54.36
CA PHE A 34 22.79 40.36 -53.81
C PHE A 34 23.38 41.72 -54.15
N THR A 35 22.64 42.58 -54.85
CA THR A 35 23.10 43.91 -55.22
C THR A 35 22.53 44.94 -54.26
N SER A 36 23.10 46.15 -54.33
CA SER A 36 22.70 47.22 -53.42
C SER A 36 21.43 47.95 -53.87
N ASP A 37 21.00 47.76 -55.11
CA ASP A 37 19.83 48.47 -55.61
C ASP A 37 18.53 47.78 -55.22
N CYS A 38 18.57 46.53 -54.77
CA CYS A 38 17.37 45.80 -54.37
C CYS A 38 17.07 46.16 -52.91
N SER A 39 16.38 47.28 -52.71
CA SER A 39 16.05 47.74 -51.38
C SER A 39 14.77 47.05 -50.89
N PHE A 40 14.32 47.45 -49.70
CA PHE A 40 13.08 46.92 -49.14
C PHE A 40 11.88 47.52 -49.88
N ILE A 41 11.04 46.66 -50.44
CA ILE A 41 9.86 47.14 -51.15
C ILE A 41 8.72 47.47 -50.19
N GLY A 42 8.82 47.06 -48.93
CA GLY A 42 7.77 47.32 -47.97
C GLY A 42 7.14 46.05 -47.44
N LEU A 43 6.62 46.12 -46.21
CA LEU A 43 5.98 44.94 -45.62
C LEU A 43 4.63 44.66 -46.26
N LYS A 44 3.89 45.71 -46.62
CA LYS A 44 2.55 45.55 -47.17
C LYS A 44 2.57 44.89 -48.54
N LYS A 45 3.52 45.27 -49.40
CA LYS A 45 3.63 44.65 -50.71
C LYS A 45 4.11 43.20 -50.59
N LEU A 46 4.97 42.92 -49.61
CA LEU A 46 5.46 41.57 -49.40
C LEU A 46 4.34 40.65 -48.91
N VAL A 47 3.49 41.14 -48.01
CA VAL A 47 2.38 40.31 -47.54
C VAL A 47 1.19 40.33 -48.49
N LEU A 48 1.16 41.24 -49.46
CA LEU A 48 0.13 41.16 -50.49
C LEU A 48 0.52 40.19 -51.60
N THR A 49 1.78 40.23 -52.05
CA THR A 49 2.23 39.33 -53.09
C THR A 49 2.44 37.90 -52.58
N ASN A 50 2.43 37.69 -51.26
CA ASN A 50 2.54 36.36 -50.67
C ASN A 50 1.32 36.14 -49.79
N ILE A 51 0.41 35.28 -50.24
CA ILE A 51 -0.77 34.89 -49.47
C ILE A 51 -0.72 33.41 -49.10
N VAL A 52 -0.59 32.54 -50.10
CA VAL A 52 -0.44 31.11 -49.81
C VAL A 52 0.88 30.75 -49.12
N PRO A 53 2.03 31.53 -49.26
CA PRO A 53 3.14 31.29 -48.31
C PRO A 53 2.81 31.47 -46.84
N ILE A 54 2.15 32.58 -46.45
CA ILE A 54 1.87 32.74 -45.03
C ILE A 54 0.75 31.82 -44.58
N VAL A 55 -0.17 31.48 -45.49
CA VAL A 55 -1.21 30.48 -45.17
C VAL A 55 -0.58 29.12 -44.88
N CYS A 56 0.36 28.71 -45.73
CA CYS A 56 1.07 27.46 -45.49
C CYS A 56 1.99 27.54 -44.28
N PHE A 57 2.46 28.74 -43.93
CA PHE A 57 3.29 28.88 -42.72
C PHE A 57 2.46 28.70 -41.46
N VAL A 58 1.27 29.28 -41.39
CA VAL A 58 0.44 29.03 -40.21
C VAL A 58 -0.12 27.61 -40.22
N PHE A 59 -0.25 26.99 -41.39
CA PHE A 59 -0.61 25.57 -41.42
C PHE A 59 0.54 24.69 -40.94
N PHE A 60 1.78 25.08 -41.24
CA PHE A 60 2.94 24.37 -40.73
C PHE A 60 3.06 24.54 -39.22
N LEU A 61 2.72 25.72 -38.70
CA LEU A 61 2.70 25.92 -37.25
C LEU A 61 1.60 25.08 -36.60
N PHE A 62 0.46 24.93 -37.26
CA PHE A 62 -0.59 24.04 -36.78
C PHE A 62 -0.13 22.58 -36.76
N SER A 63 0.64 22.19 -37.80
CA SER A 63 1.18 20.83 -37.84
C SER A 63 2.21 20.61 -36.74
N ILE A 64 3.02 21.62 -36.43
CA ILE A 64 3.99 21.51 -35.35
C ILE A 64 3.28 21.40 -34.00
N TYR A 65 2.19 22.16 -33.82
CA TYR A 65 1.39 22.07 -32.61
C TYR A 65 0.74 20.69 -32.47
N PHE A 66 0.27 20.13 -33.58
CA PHE A 66 -0.33 18.79 -33.50
C PHE A 66 0.71 17.71 -33.29
N TYR A 67 1.93 17.91 -33.79
CA TYR A 67 3.01 16.98 -33.46
C TYR A 67 3.39 17.06 -31.99
N ASN A 68 3.33 18.27 -31.41
CA ASN A 68 3.54 18.41 -29.97
C ASN A 68 2.43 17.71 -29.18
N ARG A 69 1.19 17.81 -29.67
CA ARG A 69 0.08 17.10 -29.03
C ARG A 69 0.23 15.58 -29.15
N LEU A 70 0.79 15.10 -30.26
CA LEU A 70 1.08 13.66 -30.37
C LEU A 70 2.24 13.25 -29.47
N LYS A 71 3.24 14.12 -29.30
CA LYS A 71 4.35 13.81 -28.40
C LYS A 71 3.94 13.89 -26.94
N ASN A 72 2.84 14.60 -26.64
CA ASN A 72 2.32 14.65 -25.28
C ASN A 72 1.74 13.30 -24.85
N ILE A 73 1.40 12.44 -25.83
CA ILE A 73 0.76 11.15 -25.55
C ILE A 73 1.69 10.24 -24.74
N THR A 74 2.97 10.19 -25.11
CA THR A 74 3.94 9.35 -24.43
C THR A 74 4.49 9.96 -23.15
N LYS A 75 4.09 11.18 -22.81
CA LYS A 75 4.61 11.83 -21.61
C LYS A 75 4.05 11.19 -20.34
N TYR A 76 2.76 10.86 -20.33
CA TYR A 76 2.16 10.22 -19.16
C TYR A 76 2.40 8.71 -19.20
N ASN A 77 1.60 7.97 -18.41
CA ASN A 77 1.86 6.57 -18.10
C ASN A 77 1.92 5.64 -19.31
N GLY A 78 3.12 5.12 -19.56
CA GLY A 78 3.38 4.13 -20.58
C GLY A 78 4.34 3.10 -20.05
N GLN A 79 4.25 2.84 -18.76
CA GLN A 79 5.17 1.93 -18.07
C GLN A 79 4.58 0.54 -17.92
N ASP A 80 3.81 0.08 -18.89
CA ASP A 80 3.34 -1.29 -18.96
C ASP A 80 3.92 -1.95 -20.21
N SER A 81 4.03 -3.27 -20.15
CA SER A 81 4.68 -4.02 -21.23
C SER A 81 3.76 -5.11 -21.75
N VAL A 82 3.87 -5.37 -23.05
CA VAL A 82 3.16 -6.44 -23.72
C VAL A 82 4.16 -7.26 -24.52
N LYS A 83 3.66 -8.28 -25.22
CA LYS A 83 4.49 -9.16 -26.02
C LYS A 83 3.90 -9.26 -27.42
N ILE A 84 4.72 -9.04 -28.44
CA ILE A 84 4.27 -9.02 -29.82
C ILE A 84 4.23 -10.45 -30.35
N THR A 85 3.08 -10.86 -30.87
CA THR A 85 2.93 -12.20 -31.44
C THR A 85 3.24 -12.21 -32.93
N SER A 86 2.65 -11.29 -33.69
CA SER A 86 2.92 -11.14 -35.11
C SER A 86 3.40 -9.74 -35.39
N CYS A 87 4.40 -9.60 -36.26
CA CYS A 87 5.06 -8.33 -36.51
C CYS A 87 5.20 -8.11 -38.02
N GLN A 88 4.10 -8.23 -38.74
CA GLN A 88 4.10 -7.91 -40.16
C GLN A 88 4.28 -6.40 -40.34
N SER A 89 5.40 -6.01 -40.95
CA SER A 89 5.77 -4.60 -41.06
C SER A 89 4.96 -3.95 -42.16
N GLU A 90 4.20 -2.93 -41.82
CA GLU A 90 3.46 -2.12 -42.79
C GLU A 90 4.02 -0.71 -42.72
N SER A 91 5.11 -0.47 -43.46
CA SER A 91 5.73 0.84 -43.50
C SER A 91 5.87 1.37 -44.92
N TYR A 92 5.25 0.72 -45.91
CA TYR A 92 5.23 1.27 -47.26
C TYR A 92 4.24 2.43 -47.36
N GLU A 93 3.29 2.52 -46.44
CA GLU A 93 2.56 3.75 -46.23
C GLU A 93 3.50 4.80 -45.65
N SER A 94 3.14 6.07 -45.86
CA SER A 94 3.90 7.31 -45.69
C SER A 94 5.00 7.47 -46.75
N LEU A 95 5.19 6.47 -47.62
CA LEU A 95 5.86 6.63 -48.89
C LEU A 95 4.87 6.57 -50.04
N THR A 96 3.92 5.63 -49.97
CA THR A 96 2.80 5.62 -50.91
C THR A 96 1.94 6.86 -50.74
N PHE A 97 1.73 7.28 -49.50
CA PHE A 97 0.99 8.51 -49.21
C PHE A 97 1.69 9.73 -49.81
N LEU A 98 3.01 9.82 -49.65
CA LEU A 98 3.76 10.94 -50.21
C LEU A 98 3.70 10.94 -51.73
N ALA A 99 4.07 9.82 -52.35
CA ALA A 99 4.15 9.74 -53.79
C ALA A 99 2.79 9.73 -54.48
N THR A 100 1.69 9.61 -53.74
CA THR A 100 0.36 9.69 -54.33
C THR A 100 -0.34 11.01 -54.05
N TYR A 101 -0.18 11.60 -52.85
CA TYR A 101 -0.95 12.78 -52.48
C TYR A 101 -0.12 14.06 -52.37
N ILE A 102 1.21 14.01 -52.54
CA ILE A 102 2.04 15.20 -52.41
C ILE A 102 2.75 15.53 -53.72
N VAL A 103 3.23 14.49 -54.42
CA VAL A 103 3.84 14.69 -55.75
C VAL A 103 2.90 15.34 -56.76
N PRO A 104 1.59 15.00 -56.84
CA PRO A 104 0.70 15.83 -57.67
C PRO A 104 0.61 17.29 -57.28
N PHE A 105 0.69 17.64 -55.99
CA PHE A 105 0.70 19.05 -55.63
C PHE A 105 1.99 19.75 -56.00
N MET A 106 3.09 19.00 -56.18
CA MET A 106 4.28 19.58 -56.82
C MET A 106 4.10 19.68 -58.33
N GLY A 107 3.31 18.79 -58.92
CA GLY A 107 2.96 18.88 -60.32
C GLY A 107 1.81 19.80 -60.64
N PHE A 108 1.51 20.75 -59.76
CA PHE A 108 0.33 21.59 -59.86
C PHE A 108 0.77 23.06 -59.85
N SER A 109 0.12 23.87 -60.68
CA SER A 109 0.56 25.26 -60.91
C SER A 109 -0.14 26.19 -59.93
N PHE A 110 0.64 27.05 -59.26
CA PHE A 110 0.14 27.98 -58.25
C PHE A 110 0.30 29.40 -58.77
N GLU A 111 -0.71 29.85 -59.53
CA GLU A 111 -0.67 31.19 -60.10
C GLU A 111 -1.85 32.05 -59.67
N ASP A 112 -3.07 31.54 -59.77
CA ASP A 112 -4.28 32.33 -59.52
C ASP A 112 -4.91 31.95 -58.19
N MET A 113 -5.63 32.91 -57.61
CA MET A 113 -6.25 32.68 -56.31
C MET A 113 -7.46 31.76 -56.40
N GLN A 114 -8.16 31.76 -57.54
CA GLN A 114 -9.25 30.81 -57.76
C GLN A 114 -8.72 29.37 -57.77
N LYS A 115 -7.59 29.16 -58.43
CA LYS A 115 -6.96 27.84 -58.44
C LYS A 115 -6.51 27.43 -57.05
N ASN A 116 -5.97 28.38 -56.27
CA ASN A 116 -5.53 28.06 -54.91
C ASN A 116 -6.70 27.74 -54.00
N ILE A 117 -7.84 28.41 -54.19
CA ILE A 117 -9.06 28.09 -53.47
C ILE A 117 -9.55 26.69 -53.83
N ALA A 118 -9.47 26.35 -55.13
CA ALA A 118 -9.81 25.00 -55.56
C ALA A 118 -8.88 23.95 -54.98
N TYR A 119 -7.59 24.25 -54.86
CA TYR A 119 -6.65 23.25 -54.33
C TYR A 119 -6.83 23.09 -52.83
N LEU A 120 -7.15 24.17 -52.12
CA LEU A 120 -7.47 24.07 -50.70
C LEU A 120 -8.73 23.26 -50.47
N LEU A 121 -9.73 23.42 -51.36
CA LEU A 121 -10.94 22.59 -51.27
C LEU A 121 -10.62 21.14 -51.56
N LEU A 122 -9.70 20.87 -52.48
CA LEU A 122 -9.25 19.50 -52.74
C LEU A 122 -8.54 18.91 -51.53
N VAL A 123 -7.73 19.72 -50.84
CA VAL A 123 -7.06 19.30 -49.61
C VAL A 123 -8.09 18.96 -48.54
N VAL A 124 -9.12 19.79 -48.40
CA VAL A 124 -10.17 19.56 -47.41
C VAL A 124 -10.96 18.29 -47.73
N VAL A 125 -11.22 18.04 -49.02
CA VAL A 125 -11.95 16.84 -49.43
C VAL A 125 -11.12 15.58 -49.17
N ILE A 126 -9.82 15.62 -49.52
CA ILE A 126 -8.92 14.49 -49.26
C ILE A 126 -8.81 14.21 -47.77
N GLY A 127 -8.74 15.27 -46.96
CA GLY A 127 -8.72 15.10 -45.51
C GLY A 127 -10.01 14.52 -44.96
N ILE A 128 -11.15 14.95 -45.50
CA ILE A 128 -12.44 14.46 -45.01
C ILE A 128 -12.62 12.98 -45.33
N ILE A 129 -12.20 12.55 -46.53
CA ILE A 129 -12.23 11.12 -46.83
C ILE A 129 -11.17 10.37 -46.02
N PHE A 130 -10.03 11.00 -45.75
CA PHE A 130 -8.94 10.42 -44.98
C PHE A 130 -9.23 10.29 -43.49
N ILE A 131 -10.28 10.98 -43.00
CA ILE A 131 -10.63 10.95 -41.59
C ILE A 131 -11.01 9.54 -41.15
N LYS A 132 -11.84 8.87 -41.93
CA LYS A 132 -12.54 7.66 -41.48
C LYS A 132 -12.34 6.51 -42.47
N THR A 133 -11.10 6.27 -42.88
CA THR A 133 -10.81 5.19 -43.83
C THR A 133 -9.79 4.19 -43.31
N ASP A 134 -9.45 4.24 -42.01
CA ASP A 134 -8.54 3.34 -41.28
C ASP A 134 -7.13 3.27 -41.88
N LYS A 135 -6.77 4.17 -42.79
CA LYS A 135 -5.40 4.34 -43.26
C LYS A 135 -4.80 5.63 -42.74
N TYR A 136 -5.33 6.16 -41.63
CA TYR A 136 -4.94 7.46 -41.12
C TYR A 136 -3.58 7.46 -40.44
N TYR A 137 -2.98 6.30 -40.18
CA TYR A 137 -1.68 6.27 -39.54
C TYR A 137 -0.55 6.61 -40.50
N ALA A 138 -0.81 6.68 -41.80
CA ALA A 138 0.21 7.07 -42.77
C ALA A 138 0.61 8.52 -42.54
N ASN A 139 1.90 8.75 -42.34
CA ASN A 139 2.38 10.03 -41.89
C ASN A 139 3.85 10.21 -42.27
N PRO A 140 4.13 10.87 -43.39
CA PRO A 140 5.54 11.07 -43.80
C PRO A 140 6.35 11.91 -42.84
N THR A 141 5.72 12.88 -42.17
CA THR A 141 6.43 13.65 -41.15
C THR A 141 6.79 12.79 -39.94
N LEU A 142 5.98 11.78 -39.64
CA LEU A 142 6.37 10.82 -38.61
C LEU A 142 7.50 9.93 -39.09
N ALA A 143 7.45 9.49 -40.35
CA ALA A 143 8.47 8.60 -40.88
C ALA A 143 9.82 9.27 -41.09
N LEU A 144 9.83 10.61 -41.25
CA LEU A 144 11.09 11.32 -41.32
C LEU A 144 11.80 11.36 -39.97
N PHE A 145 11.05 11.39 -38.87
CA PHE A 145 11.67 11.48 -37.55
C PHE A 145 11.91 10.10 -36.94
N GLY A 146 12.52 9.20 -37.72
CA GLY A 146 12.96 7.91 -37.22
C GLY A 146 11.88 6.88 -36.93
N PHE A 147 10.59 7.25 -37.00
CA PHE A 147 9.53 6.33 -36.63
C PHE A 147 9.26 5.35 -37.77
N LYS A 148 9.24 4.07 -37.44
CA LYS A 148 8.88 3.02 -38.39
C LYS A 148 7.58 2.38 -37.94
N LEU A 149 6.61 2.32 -38.84
CA LEU A 149 5.27 1.86 -38.52
C LEU A 149 5.18 0.35 -38.66
N TYR A 150 4.41 -0.29 -37.77
CA TYR A 150 4.26 -1.72 -37.78
C TYR A 150 2.80 -2.08 -37.49
N ARG A 151 2.37 -3.20 -38.05
CA ARG A 151 1.07 -3.79 -37.73
C ARG A 151 1.33 -5.00 -36.83
N VAL A 152 1.01 -4.87 -35.55
CA VAL A 152 1.40 -5.85 -34.54
C VAL A 152 0.15 -6.47 -33.93
N ASN A 153 0.38 -7.58 -33.21
CA ASN A 153 -0.65 -8.31 -32.47
C ASN A 153 -0.10 -8.54 -31.06
N ILE A 154 -0.39 -7.60 -30.15
CA ILE A 154 0.16 -7.69 -28.81
C ILE A 154 -0.56 -8.78 -28.01
N LEU A 155 0.07 -9.20 -26.92
CA LEU A 155 -0.50 -10.18 -26.01
C LEU A 155 -0.28 -9.65 -24.60
N HIS A 156 -1.38 -9.27 -23.95
CA HIS A 156 -1.28 -8.76 -22.59
C HIS A 156 -1.04 -9.91 -21.61
N PRO A 157 -0.25 -9.68 -20.56
CA PRO A 157 0.00 -10.76 -19.58
C PRO A 157 -1.23 -11.18 -18.78
N GLY A 158 -2.23 -10.31 -18.63
CA GLY A 158 -3.35 -10.66 -17.79
C GLY A 158 -4.73 -10.49 -18.42
N SER A 159 -4.80 -9.78 -19.54
CA SER A 159 -6.09 -9.50 -20.19
C SER A 159 -6.40 -10.52 -21.28
N GLY A 160 -5.55 -10.61 -22.30
CA GLY A 160 -5.79 -11.51 -23.40
C GLY A 160 -4.91 -11.15 -24.59
N GLU A 161 -5.33 -11.62 -25.76
CA GLU A 161 -4.59 -11.43 -27.00
C GLU A 161 -5.42 -10.56 -27.93
N THR A 162 -5.20 -9.25 -27.86
CA THR A 162 -5.86 -8.33 -28.77
C THR A 162 -5.12 -8.31 -30.10
N LYS A 163 -5.88 -8.27 -31.19
CA LYS A 163 -5.33 -8.41 -32.52
C LYS A 163 -5.48 -7.13 -33.32
N ASN A 164 -4.60 -6.97 -34.31
CA ASN A 164 -4.64 -5.90 -35.33
C ASN A 164 -4.56 -4.52 -34.70
N LEU A 165 -3.40 -4.24 -34.10
CA LEU A 165 -3.06 -2.91 -33.62
C LEU A 165 -1.85 -2.38 -34.36
N ILE A 166 -1.82 -1.06 -34.56
CA ILE A 166 -0.76 -0.40 -35.32
C ILE A 166 0.21 0.23 -34.34
N ALA A 167 1.50 -0.09 -34.49
CA ALA A 167 2.55 0.41 -33.60
C ALA A 167 3.42 1.41 -34.34
N ILE A 168 3.72 2.52 -33.69
CA ILE A 168 4.66 3.52 -34.19
C ILE A 168 5.87 3.48 -33.27
N SER A 169 6.90 2.75 -33.67
CA SER A 169 8.05 2.50 -32.81
C SER A 169 9.23 3.39 -33.21
N ASN A 170 10.09 3.65 -32.24
CA ASN A 170 11.31 4.41 -32.50
C ASN A 170 12.37 3.56 -33.19
N ASP A 171 12.41 2.28 -32.88
CA ASP A 171 13.40 1.35 -33.43
C ASP A 171 12.71 0.11 -34.00
N VAL A 172 13.52 -0.88 -34.40
CA VAL A 172 13.00 -2.04 -35.11
C VAL A 172 12.23 -2.94 -34.14
N LEU A 173 11.30 -3.72 -34.70
CA LEU A 173 10.47 -4.62 -33.92
C LEU A 173 10.56 -6.03 -34.50
N LYS A 174 10.23 -7.01 -33.68
CA LYS A 174 10.48 -8.40 -34.01
C LYS A 174 9.48 -9.25 -33.25
N VAL A 175 9.16 -10.43 -33.79
CA VAL A 175 8.41 -11.44 -33.07
C VAL A 175 9.12 -11.79 -31.77
N ASP A 176 8.33 -11.97 -30.70
CA ASP A 176 8.79 -12.23 -29.33
C ASP A 176 9.70 -11.10 -28.83
N ASP A 177 9.11 -9.92 -28.72
CA ASP A 177 9.79 -8.74 -28.20
C ASP A 177 8.84 -8.02 -27.25
N ASN A 178 9.41 -7.26 -26.32
CA ASN A 178 8.64 -6.55 -25.32
C ASN A 178 8.67 -5.06 -25.60
N VAL A 179 7.48 -4.48 -25.80
CA VAL A 179 7.35 -3.05 -26.08
C VAL A 179 6.51 -2.41 -24.98
N TYR A 180 6.58 -1.08 -24.91
CA TYR A 180 5.83 -0.28 -23.96
C TYR A 180 4.78 0.50 -24.73
N TYR A 181 3.51 0.34 -24.36
CA TYR A 181 2.44 0.94 -25.14
C TYR A 181 1.99 2.26 -24.53
N SER A 182 1.61 3.19 -25.42
CA SER A 182 0.98 4.45 -25.02
C SER A 182 -0.05 4.76 -26.10
N PHE A 183 -1.31 4.40 -25.84
CA PHE A 183 -2.33 4.36 -26.88
C PHE A 183 -2.79 5.79 -27.22
N PHE A 184 -2.43 6.26 -28.41
CA PHE A 184 -2.95 7.52 -28.91
C PHE A 184 -4.43 7.41 -29.24
N ASP A 185 -4.86 6.25 -29.73
CA ASP A 185 -6.26 5.97 -30.01
C ASP A 185 -6.50 4.50 -29.70
N GLU A 186 -7.63 3.97 -30.15
CA GLU A 186 -7.92 2.54 -29.96
C GLU A 186 -7.09 1.69 -30.92
N PHE A 187 -6.75 2.22 -32.09
CA PHE A 187 -6.11 1.47 -33.16
C PHE A 187 -4.61 1.68 -33.24
N VAL A 188 -4.12 2.85 -32.83
CA VAL A 188 -2.72 3.24 -32.99
C VAL A 188 -2.12 3.49 -31.61
N PHE A 189 -0.96 2.89 -31.35
CA PHE A 189 -0.23 3.16 -30.12
C PHE A 189 1.24 3.39 -30.42
N ILE A 190 1.87 4.25 -29.64
CA ILE A 190 3.28 4.54 -29.75
C ILE A 190 4.04 3.51 -28.92
N ALA A 191 4.94 2.77 -29.56
CA ALA A 191 5.68 1.70 -28.92
C ALA A 191 7.07 2.17 -28.52
N ARG A 192 7.68 1.42 -27.60
CA ARG A 192 9.03 1.68 -27.14
C ARG A 192 9.59 0.38 -26.61
N LYS A 193 10.72 -0.07 -27.15
CA LYS A 193 11.25 -1.38 -26.81
C LYS A 193 11.83 -1.39 -25.40
N LYS A 194 11.74 -2.55 -24.75
CA LYS A 194 12.24 -2.75 -23.40
C LYS A 194 13.54 -3.54 -23.47
N ILE A 195 14.65 -2.87 -23.15
CA ILE A 195 15.95 -3.50 -23.20
C ILE A 195 16.89 -2.86 -22.17
N MET B 1 -3.14 -23.32 -0.82
CA MET B 1 -1.90 -22.60 -1.11
C MET B 1 -1.15 -22.25 0.17
N THR B 2 0.02 -22.84 0.34
CA THR B 2 0.82 -22.59 1.54
C THR B 2 1.57 -21.26 1.40
N THR B 3 2.29 -20.90 2.45
CA THR B 3 3.02 -19.63 2.47
C THR B 3 4.26 -19.68 1.58
N GLN B 4 4.91 -20.85 1.48
CA GLN B 4 6.10 -20.97 0.65
C GLN B 4 5.76 -20.85 -0.83
N GLN B 5 4.67 -21.46 -1.26
CA GLN B 5 4.23 -21.32 -2.65
C GLN B 5 3.78 -19.90 -2.96
N LEU B 6 3.17 -19.22 -1.98
CA LEU B 6 2.82 -17.82 -2.16
C LEU B 6 4.06 -16.95 -2.30
N LYS B 7 5.10 -17.21 -1.50
CA LYS B 7 6.35 -16.49 -1.61
C LYS B 7 7.03 -16.76 -2.96
N GLU B 8 6.94 -18.01 -3.44
CA GLU B 8 7.51 -18.35 -4.74
C GLU B 8 6.77 -17.64 -5.87
N LYS B 9 5.44 -17.55 -5.80
CA LYS B 9 4.68 -16.87 -6.85
C LYS B 9 4.91 -15.37 -6.84
N ILE B 10 5.01 -14.77 -5.65
CA ILE B 10 5.32 -13.35 -5.54
C ILE B 10 6.72 -13.06 -6.07
N SER B 11 7.69 -13.94 -5.76
CA SER B 11 9.05 -13.78 -6.28
C SER B 11 9.08 -13.90 -7.80
N LYS B 12 8.35 -14.88 -8.34
CA LYS B 12 8.29 -15.10 -9.78
C LYS B 12 7.66 -13.93 -10.51
N ILE B 13 6.67 -13.27 -9.89
CA ILE B 13 6.16 -12.03 -10.46
C ILE B 13 7.21 -10.92 -10.37
N ILE B 14 7.92 -10.83 -9.23
CA ILE B 14 8.72 -9.64 -8.94
C ILE B 14 9.99 -9.59 -9.80
N ASP B 15 10.71 -10.71 -9.93
CA ASP B 15 12.02 -10.61 -10.59
C ASP B 15 11.88 -10.46 -12.11
N ASN B 16 10.83 -11.07 -12.68
CA ASN B 16 10.50 -10.88 -14.09
C ASN B 16 9.47 -9.75 -14.22
N PHE B 17 9.89 -8.56 -13.81
CA PHE B 17 9.00 -7.42 -13.71
C PHE B 17 8.68 -6.88 -15.09
N SER B 18 7.38 -6.76 -15.39
CA SER B 18 6.91 -6.26 -16.67
C SER B 18 6.48 -4.80 -16.60
N GLY B 19 5.54 -4.48 -15.73
CA GLY B 19 5.08 -3.12 -15.60
C GLY B 19 3.81 -3.06 -14.79
N ILE B 20 3.44 -1.83 -14.42
CA ILE B 20 2.27 -1.59 -13.59
C ILE B 20 1.26 -0.74 -14.36
N ARG B 21 0.04 -0.71 -13.83
CA ARG B 21 -1.05 0.07 -14.40
C ARG B 21 -2.02 0.39 -13.27
N VAL B 22 -2.44 1.65 -13.19
CA VAL B 22 -3.27 2.13 -12.08
C VAL B 22 -4.69 2.33 -12.60
N VAL B 23 -5.64 1.61 -12.01
CA VAL B 23 -7.04 1.63 -12.40
C VAL B 23 -7.86 2.11 -11.22
N PHE B 24 -8.69 3.13 -11.45
CA PHE B 24 -9.56 3.67 -10.40
C PHE B 24 -10.92 3.01 -10.48
N THR B 25 -11.50 2.72 -9.32
CA THR B 25 -12.90 2.34 -9.25
C THR B 25 -13.70 3.50 -8.66
N THR B 26 -14.98 3.55 -9.01
CA THR B 26 -15.83 4.67 -8.67
C THR B 26 -17.00 4.23 -7.81
N THR B 27 -17.74 5.22 -7.29
CA THR B 27 -18.91 4.93 -6.48
C THR B 27 -20.08 4.43 -7.31
N ALA B 28 -20.09 4.72 -8.61
CA ALA B 28 -21.14 4.26 -9.51
C ALA B 28 -20.79 2.92 -10.16
N ASN B 29 -19.79 2.21 -9.63
CA ASN B 29 -19.43 0.84 -9.98
C ASN B 29 -19.01 0.70 -11.43
N GLU B 30 -17.98 1.45 -11.80
CA GLU B 30 -17.31 1.28 -13.08
C GLU B 30 -15.83 1.59 -12.91
N LEU B 31 -15.04 1.11 -13.86
CA LEU B 31 -13.59 1.12 -13.75
C LEU B 31 -12.99 2.10 -14.75
N LYS B 32 -12.16 3.01 -14.25
CA LYS B 32 -11.49 4.01 -15.08
C LYS B 32 -9.99 3.96 -14.82
N LEU B 33 -9.22 4.39 -15.81
CA LEU B 33 -7.76 4.40 -15.73
C LEU B 33 -7.26 5.84 -15.71
N SER B 34 -6.14 6.05 -15.01
CA SER B 34 -5.65 7.38 -14.69
C SER B 34 -4.50 7.79 -15.61
N ARG B 35 -4.10 9.05 -15.48
CA ARG B 35 -3.02 9.67 -16.26
C ARG B 35 -1.91 10.07 -15.30
N ILE B 36 -1.03 9.15 -14.98
CA ILE B 36 0.06 9.39 -14.04
C ILE B 36 1.34 9.65 -14.83
N GLU B 37 2.14 10.60 -14.35
CA GLU B 37 3.41 10.93 -14.99
C GLU B 37 4.39 9.76 -14.89
N GLY B 38 5.32 9.70 -15.84
CA GLY B 38 6.20 8.55 -15.97
C GLY B 38 7.16 8.38 -14.80
N SER B 39 7.78 9.48 -14.35
CA SER B 39 8.67 9.40 -13.20
C SER B 39 7.90 9.11 -11.92
N ALA B 40 6.71 9.70 -11.79
CA ALA B 40 5.85 9.41 -10.65
C ALA B 40 5.40 7.96 -10.64
N LEU B 41 5.07 7.41 -11.82
CA LEU B 41 4.70 6.00 -11.90
C LEU B 41 5.86 5.08 -11.62
N ASN B 42 7.08 5.47 -12.04
CA ASN B 42 8.27 4.70 -11.71
C ASN B 42 8.53 4.70 -10.21
N SER B 43 8.35 5.85 -9.56
CA SER B 43 8.53 5.93 -8.11
C SER B 43 7.46 5.12 -7.38
N ILE B 44 6.22 5.14 -7.88
CA ILE B 44 5.14 4.35 -7.30
C ILE B 44 5.43 2.86 -7.43
N ALA B 45 5.91 2.42 -8.60
CA ALA B 45 6.24 1.03 -8.83
C ALA B 45 7.40 0.57 -7.94
N GLU B 46 8.42 1.42 -7.78
CA GLU B 46 9.54 1.07 -6.91
C GLU B 46 9.13 1.02 -5.45
N GLY B 47 8.28 1.96 -5.01
CA GLY B 47 7.80 1.93 -3.64
C GLY B 47 6.92 0.73 -3.33
N PHE B 48 6.03 0.37 -4.26
CA PHE B 48 5.20 -0.80 -4.07
C PHE B 48 6.00 -2.09 -4.13
N ILE B 49 7.04 -2.14 -4.97
CA ILE B 49 7.92 -3.30 -5.01
C ILE B 49 8.70 -3.43 -3.71
N ASP B 50 9.16 -2.31 -3.15
CA ASP B 50 9.89 -2.33 -1.87
C ASP B 50 8.98 -2.76 -0.72
N LYS B 51 7.75 -2.23 -0.67
CA LYS B 51 6.81 -2.64 0.38
C LYS B 51 6.40 -4.09 0.23
N ILE B 52 6.19 -4.56 -1.00
CA ILE B 52 5.77 -5.94 -1.23
C ILE B 52 6.92 -6.89 -0.93
N LYS B 53 8.16 -6.44 -1.11
CA LYS B 53 9.33 -7.24 -0.76
C LYS B 53 9.48 -7.33 0.76
N GLU B 54 9.31 -6.20 1.46
CA GLU B 54 9.37 -6.20 2.92
C GLU B 54 8.20 -6.96 3.55
N ASP B 55 7.09 -7.13 2.83
CA ASP B 55 5.95 -7.84 3.39
C ASP B 55 5.99 -9.34 3.14
N ILE B 56 6.39 -9.80 1.95
CA ILE B 56 6.38 -11.22 1.62
C ILE B 56 7.78 -11.75 1.33
N ILE B 57 8.61 -11.01 0.61
CA ILE B 57 9.84 -11.60 0.07
C ILE B 57 10.91 -11.73 1.15
N ASN B 58 11.23 -10.62 1.81
CA ASN B 58 12.27 -10.62 2.83
C ASN B 58 11.73 -10.89 4.23
N ASN B 59 10.42 -11.11 4.37
CA ASN B 59 9.82 -11.36 5.66
C ASN B 59 9.88 -12.85 5.98
N GLU B 60 10.44 -13.18 7.13
CA GLU B 60 10.52 -14.57 7.56
C GLU B 60 9.31 -14.99 8.39
N ASP B 61 8.74 -14.08 9.18
CA ASP B 61 7.58 -14.38 10.01
C ASP B 61 6.31 -13.99 9.26
N LEU B 62 5.96 -14.83 8.28
CA LEU B 62 4.76 -14.66 7.49
C LEU B 62 3.87 -15.89 7.63
N THR B 63 2.61 -15.67 7.98
CA THR B 63 1.61 -16.72 8.04
C THR B 63 0.37 -16.29 7.29
N SER B 64 -0.30 -17.24 6.66
CA SER B 64 -1.52 -16.98 5.90
C SER B 64 -2.61 -17.93 6.35
N PRO B 65 -3.32 -17.63 7.43
CA PRO B 65 -4.47 -18.43 7.83
C PRO B 65 -5.73 -17.94 7.11
N LEU B 66 -6.79 -18.73 7.28
CA LEU B 66 -8.07 -18.38 6.68
C LEU B 66 -8.71 -17.21 7.42
N LEU B 67 -9.54 -16.46 6.70
CA LEU B 67 -10.26 -15.34 7.32
C LEU B 67 -11.32 -15.82 8.30
N SER B 68 -11.79 -17.05 8.17
CA SER B 68 -12.69 -17.62 9.16
C SER B 68 -11.97 -17.99 10.45
N ASN B 69 -10.64 -18.08 10.42
CA ASN B 69 -9.81 -18.28 11.60
C ASN B 69 -9.01 -17.03 11.93
N PHE B 70 -9.66 -15.87 11.82
CA PHE B 70 -9.00 -14.58 11.98
C PHE B 70 -8.70 -14.33 13.46
N ASP B 71 -7.43 -14.49 13.84
CA ASP B 71 -6.97 -14.07 15.15
C ASP B 71 -6.42 -12.65 15.05
N ASP B 72 -5.71 -12.20 16.08
CA ASP B 72 -5.21 -10.84 16.14
C ASP B 72 -3.70 -10.77 15.94
N ARG B 73 -3.17 -11.57 15.02
CA ARG B 73 -1.74 -11.55 14.75
C ARG B 73 -1.39 -10.43 13.77
N LYS B 74 -0.10 -10.11 13.72
CA LYS B 74 0.45 -9.12 12.80
C LYS B 74 1.37 -9.82 11.80
N ASN B 75 1.73 -9.06 10.75
CA ASN B 75 2.56 -9.52 9.63
C ASN B 75 1.96 -10.77 8.99
N ALA B 76 0.69 -10.66 8.59
CA ALA B 76 -0.03 -11.77 8.02
C ALA B 76 -0.94 -11.29 6.91
N LEU B 77 -1.16 -12.17 5.92
CA LEU B 77 -2.12 -11.94 4.85
C LEU B 77 -3.17 -13.03 4.95
N PHE B 78 -4.36 -12.68 5.42
CA PHE B 78 -5.40 -13.66 5.67
C PHE B 78 -6.05 -14.11 4.37
N LYS B 79 -6.28 -15.41 4.27
CA LYS B 79 -6.82 -16.01 3.05
C LYS B 79 -8.34 -15.96 3.06
N PHE B 80 -8.92 -15.43 1.99
CA PHE B 80 -10.36 -15.45 1.85
C PHE B 80 -10.82 -16.87 1.51
N ASP B 81 -11.84 -17.35 2.23
CA ASP B 81 -12.37 -18.68 1.97
C ASP B 81 -13.89 -18.73 2.03
N TYR B 82 -14.56 -17.58 2.13
CA TYR B 82 -16.02 -17.57 2.20
C TYR B 82 -16.63 -17.81 0.82
N GLU B 83 -17.88 -18.26 0.82
CA GLU B 83 -18.54 -18.60 -0.43
C GLU B 83 -18.93 -17.36 -1.22
N GLN B 84 -19.46 -16.35 -0.55
CA GLN B 84 -19.97 -15.15 -1.21
C GLN B 84 -18.86 -14.12 -1.34
N TYR B 85 -18.62 -13.67 -2.56
CA TYR B 85 -17.64 -12.63 -2.84
C TYR B 85 -18.31 -11.27 -2.78
N PRO B 86 -17.70 -10.28 -2.12
CA PRO B 86 -18.21 -8.91 -2.22
C PRO B 86 -18.02 -8.35 -3.62
N GLU B 87 -18.76 -7.28 -3.90
CA GLU B 87 -18.81 -6.73 -5.26
C GLU B 87 -17.48 -6.06 -5.65
N GLU B 88 -16.71 -5.59 -4.66
CA GLU B 88 -15.42 -4.99 -4.98
C GLU B 88 -14.40 -6.04 -5.38
N PHE B 89 -14.54 -7.26 -4.86
CA PHE B 89 -13.66 -8.35 -5.27
C PHE B 89 -13.92 -8.75 -6.72
N ASN B 90 -15.20 -8.81 -7.11
CA ASN B 90 -15.53 -9.06 -8.50
C ASN B 90 -15.12 -7.91 -9.40
N LYS B 91 -15.15 -6.67 -8.89
CA LYS B 91 -14.64 -5.55 -9.66
C LYS B 91 -13.12 -5.61 -9.82
N ILE B 92 -12.41 -6.13 -8.81
CA ILE B 92 -10.96 -6.37 -8.96
C ILE B 92 -10.71 -7.43 -10.02
N THR B 93 -11.49 -8.52 -10.00
CA THR B 93 -11.32 -9.59 -10.98
C THR B 93 -11.64 -9.11 -12.40
N GLN B 94 -12.62 -8.21 -12.53
CA GLN B 94 -12.87 -7.57 -13.82
C GLN B 94 -11.73 -6.64 -14.20
N ALA B 95 -11.17 -5.93 -13.22
CA ALA B 95 -10.08 -4.99 -13.48
C ALA B 95 -8.77 -5.68 -13.84
N ILE B 96 -8.63 -6.97 -13.55
CA ILE B 96 -7.45 -7.70 -14.00
C ILE B 96 -7.44 -7.82 -15.52
N ALA B 97 -8.59 -8.13 -16.12
CA ALA B 97 -8.67 -8.45 -17.54
C ALA B 97 -9.26 -7.32 -18.37
N ILE B 98 -8.96 -6.06 -18.05
CA ILE B 98 -9.34 -4.96 -18.94
C ILE B 98 -8.37 -4.94 -20.11
N PRO B 99 -8.86 -4.86 -21.36
CA PRO B 99 -7.94 -4.86 -22.50
C PRO B 99 -7.12 -3.58 -22.54
N PRO B 100 -5.88 -3.66 -23.01
CA PRO B 100 -4.99 -2.48 -22.96
C PRO B 100 -5.36 -1.37 -23.94
N ASN B 101 -6.19 -1.64 -24.94
CA ASN B 101 -6.61 -0.63 -25.90
C ASN B 101 -7.91 0.04 -25.49
N SER B 102 -8.30 -0.07 -24.22
CA SER B 102 -9.55 0.51 -23.75
C SER B 102 -9.43 2.04 -23.70
N GLN B 103 -10.60 2.70 -23.78
CA GLN B 103 -10.66 4.16 -23.84
C GLN B 103 -11.61 4.74 -22.80
N ASP B 104 -11.93 4.00 -21.74
CA ASP B 104 -12.76 4.53 -20.66
C ASP B 104 -11.88 5.17 -19.60
N TYR B 105 -11.20 6.24 -20.00
CA TYR B 105 -10.22 6.89 -19.15
C TYR B 105 -10.90 7.78 -18.13
N TYR B 106 -10.23 7.98 -16.99
CA TYR B 106 -10.79 8.77 -15.91
C TYR B 106 -10.79 10.26 -16.26
N ASN B 107 -11.83 10.96 -15.81
CA ASN B 107 -11.91 12.40 -15.99
C ASN B 107 -11.45 13.07 -14.71
N PRO B 108 -10.34 13.82 -14.73
CA PRO B 108 -9.85 14.46 -13.50
C PRO B 108 -10.55 15.76 -13.13
N LEU B 109 -11.63 16.11 -13.82
CA LEU B 109 -12.42 17.30 -13.47
C LEU B 109 -13.46 17.00 -12.40
N ASN B 110 -13.53 15.76 -11.91
CA ASN B 110 -14.44 15.39 -10.84
C ASN B 110 -13.90 15.72 -9.46
N LYS B 111 -12.68 16.28 -9.39
CA LYS B 111 -12.00 16.69 -8.15
C LYS B 111 -11.76 15.51 -7.20
N PHE B 112 -11.67 14.31 -7.77
CA PHE B 112 -11.33 13.06 -7.06
C PHE B 112 -12.30 12.73 -5.93
N THR B 113 -13.55 13.18 -6.03
CA THR B 113 -14.54 12.87 -5.02
C THR B 113 -15.38 11.65 -5.37
N ASP B 114 -15.21 11.09 -6.56
CA ASP B 114 -15.98 9.94 -7.00
C ASP B 114 -15.21 8.64 -6.88
N VAL B 115 -13.89 8.70 -6.68
CA VAL B 115 -13.07 7.49 -6.59
C VAL B 115 -13.24 6.86 -5.21
N LYS B 116 -13.59 5.57 -5.20
CA LYS B 116 -13.76 4.81 -3.97
C LYS B 116 -12.49 4.07 -3.56
N GLY B 117 -11.80 3.46 -4.52
CA GLY B 117 -10.56 2.77 -4.25
C GLY B 117 -9.61 2.90 -5.42
N ILE B 118 -8.36 2.52 -5.18
CA ILE B 118 -7.31 2.56 -6.19
C ILE B 118 -6.79 1.14 -6.36
N ILE B 119 -6.81 0.64 -7.60
CA ILE B 119 -6.34 -0.70 -7.91
C ILE B 119 -4.99 -0.59 -8.61
N ILE B 120 -3.97 -1.23 -8.03
CA ILE B 120 -2.64 -1.28 -8.62
C ILE B 120 -2.47 -2.64 -9.27
N LEU B 121 -2.13 -2.66 -10.55
CA LEU B 121 -2.02 -3.89 -11.32
C LEU B 121 -0.55 -4.13 -11.65
N ILE B 122 0.16 -4.76 -10.72
CA ILE B 122 1.55 -5.14 -10.96
C ILE B 122 1.54 -6.44 -11.78
N SER B 123 2.19 -6.41 -12.93
CA SER B 123 2.17 -7.54 -13.85
C SER B 123 3.59 -8.01 -14.14
N GLY B 124 3.70 -9.29 -14.48
CA GLY B 124 4.98 -9.88 -14.80
C GLY B 124 4.91 -11.39 -14.90
N ASP B 125 5.67 -11.96 -15.85
CA ASP B 125 5.76 -13.40 -16.11
C ASP B 125 4.38 -14.02 -16.38
N ASN B 126 3.59 -13.32 -17.21
CA ASN B 126 2.26 -13.73 -17.67
C ASN B 126 1.28 -13.96 -16.51
N LYS B 127 1.44 -13.20 -15.43
CA LYS B 127 0.53 -13.25 -14.30
C LYS B 127 0.28 -11.84 -13.81
N CYS B 128 -0.90 -11.62 -13.25
CA CYS B 128 -1.33 -10.29 -12.83
C CYS B 128 -1.56 -10.28 -11.32
N LEU B 129 -0.97 -9.29 -10.67
CA LEU B 129 -1.15 -9.05 -9.24
C LEU B 129 -1.93 -7.76 -9.05
N ALA B 130 -3.02 -7.83 -8.29
CA ALA B 130 -3.95 -6.72 -8.18
C ALA B 130 -4.03 -6.25 -6.72
N LEU B 131 -3.19 -5.28 -6.37
CA LEU B 131 -3.28 -4.64 -5.07
C LEU B 131 -4.52 -3.77 -4.98
N TYR B 132 -4.95 -3.48 -3.75
CA TYR B 132 -6.10 -2.63 -3.51
C TYR B 132 -5.73 -1.53 -2.52
N LYS B 133 -6.48 -0.43 -2.61
CA LYS B 133 -6.24 0.75 -1.80
C LYS B 133 -7.58 1.39 -1.51
N ASN B 134 -7.64 2.20 -0.45
CA ASN B 134 -8.78 3.06 -0.18
C ASN B 134 -8.34 4.50 -0.07
N LYS B 135 -9.13 5.40 -0.64
CA LYS B 135 -8.87 6.82 -0.55
C LYS B 135 -9.43 7.35 0.77
N THR B 136 -8.55 7.89 1.61
CA THR B 136 -8.95 8.44 2.89
C THR B 136 -9.26 9.93 2.72
N ASN B 137 -9.40 10.65 3.84
CA ASN B 137 -9.75 12.07 3.82
C ASN B 137 -8.51 12.90 3.44
N LEU B 138 -8.13 12.79 2.17
CA LEU B 138 -7.07 13.50 1.45
C LEU B 138 -5.66 13.26 1.99
N ALA B 139 -5.48 12.42 3.01
CA ALA B 139 -4.21 12.24 3.74
C ALA B 139 -3.64 13.59 4.17
N VAL B 140 -4.32 14.18 5.16
CA VAL B 140 -4.23 15.57 5.62
C VAL B 140 -2.79 16.08 5.72
N LEU B 141 -2.54 17.24 5.15
CA LEU B 141 -1.18 17.60 4.73
C LEU B 141 -1.08 19.12 4.66
N ARG B 142 0.04 19.63 4.13
CA ARG B 142 0.34 21.05 4.24
C ARG B 142 0.75 21.72 2.94
N ASN B 143 1.21 22.96 3.05
CA ASN B 143 1.52 23.84 1.93
C ASN B 143 2.70 24.72 2.37
N SER B 144 2.88 25.87 1.72
CA SER B 144 3.98 26.76 2.08
C SER B 144 3.57 28.18 2.44
N ARG B 145 2.31 28.57 2.25
CA ARG B 145 1.81 29.94 2.44
C ARG B 145 2.61 30.96 1.61
N LYS B 146 2.38 30.85 0.30
CA LYS B 146 2.71 31.86 -0.70
C LYS B 146 2.31 33.25 -0.23
N MET B 147 3.29 34.14 -0.05
CA MET B 147 2.94 35.52 0.23
C MET B 147 2.61 36.15 -1.12
N PHE B 148 1.33 36.46 -1.32
CA PHE B 148 0.75 36.87 -2.61
C PHE B 148 1.07 35.80 -3.64
N ASN B 149 1.88 36.08 -4.67
CA ASN B 149 2.22 35.11 -5.68
C ASN B 149 3.65 34.60 -5.57
N LEU B 150 4.32 34.81 -4.45
CA LEU B 150 5.71 34.40 -4.28
C LEU B 150 5.81 33.38 -3.16
N VAL B 151 6.45 32.25 -3.45
CA VAL B 151 6.49 31.07 -2.56
C VAL B 151 7.19 31.30 -1.21
N PRO B 152 8.43 31.81 -1.11
CA PRO B 152 9.09 31.82 0.21
C PRO B 152 8.51 32.89 1.13
N ASP B 153 8.22 32.49 2.37
CA ASP B 153 7.68 33.37 3.39
C ASP B 153 8.08 32.83 4.76
N PRO B 154 8.94 33.54 5.49
CA PRO B 154 9.28 33.11 6.86
C PRO B 154 8.12 33.20 7.83
N ASP B 155 7.11 34.02 7.55
CA ASP B 155 5.91 34.14 8.37
C ASP B 155 4.77 33.27 7.85
N GLY B 156 5.08 32.11 7.27
CA GLY B 156 4.08 31.31 6.59
C GLY B 156 3.14 30.54 7.49
N TYR B 157 1.89 30.99 7.55
CA TYR B 157 0.82 30.28 8.26
C TYR B 157 0.51 29.00 7.49
N LEU B 158 0.85 27.85 8.07
CA LEU B 158 0.85 26.58 7.37
C LEU B 158 -0.58 26.11 7.14
N LYS B 159 -1.03 26.06 5.89
CA LYS B 159 -2.41 25.70 5.58
C LYS B 159 -2.47 24.42 4.76
N GLN B 160 -3.70 24.00 4.47
CA GLN B 160 -4.01 22.73 3.82
C GLN B 160 -4.40 22.94 2.37
N LEU B 161 -4.02 21.99 1.52
CA LEU B 161 -4.49 21.96 0.15
C LEU B 161 -5.97 21.57 0.10
N PRO B 162 -6.73 22.08 -0.88
CA PRO B 162 -8.17 21.76 -0.93
C PRO B 162 -8.46 20.35 -1.42
N ASN B 163 -9.75 20.05 -1.63
CA ASN B 163 -10.23 18.70 -1.97
C ASN B 163 -9.90 18.38 -3.43
N GLU B 164 -8.61 18.21 -3.71
CA GLU B 164 -8.15 17.89 -5.05
C GLU B 164 -6.99 16.90 -5.09
N ILE B 165 -6.55 16.39 -3.94
CA ILE B 165 -5.31 15.62 -3.83
C ILE B 165 -5.65 14.20 -3.42
N LEU B 166 -5.05 13.22 -4.09
CA LEU B 166 -5.32 11.81 -3.84
C LEU B 166 -4.13 11.18 -3.12
N ARG B 167 -4.43 10.43 -2.06
CA ARG B 167 -3.42 9.68 -1.33
C ARG B 167 -3.02 8.44 -2.12
N LEU B 168 -1.72 8.26 -2.34
CA LEU B 168 -1.20 7.05 -2.96
C LEU B 168 0.07 6.60 -2.23
N ASP B 169 -0.02 6.48 -0.91
CA ASP B 169 1.10 6.01 -0.10
C ASP B 169 1.41 4.54 -0.40
N PHE B 170 2.58 4.10 0.07
CA PHE B 170 3.08 2.77 -0.27
C PHE B 170 2.52 1.76 0.75
N ASN B 171 1.23 1.49 0.62
CA ASN B 171 0.57 0.47 1.42
C ASN B 171 -0.60 -0.08 0.62
N TYR B 172 -1.00 -1.32 0.95
CA TYR B 172 -2.09 -1.97 0.27
C TYR B 172 -3.01 -2.62 1.30
N ASP B 173 -4.32 -2.58 1.03
CA ASP B 173 -5.29 -3.20 1.92
C ASP B 173 -5.44 -4.69 1.66
N LEU B 174 -5.53 -5.08 0.40
CA LEU B 174 -5.57 -6.48 0.02
C LEU B 174 -5.01 -6.63 -1.39
N PHE B 175 -4.58 -7.83 -1.72
CA PHE B 175 -4.03 -8.10 -3.05
C PHE B 175 -4.60 -9.38 -3.59
N SER B 176 -4.60 -9.48 -4.92
CA SER B 176 -5.19 -10.60 -5.65
C SER B 176 -4.11 -11.33 -6.43
N ILE B 177 -4.01 -12.64 -6.22
CA ILE B 177 -3.15 -13.50 -7.01
C ILE B 177 -3.95 -14.69 -7.52
N GLY B 178 -3.88 -14.92 -8.83
CA GLY B 178 -4.59 -16.03 -9.46
C GLY B 178 -6.09 -15.93 -9.36
N GLU B 179 -6.68 -16.84 -8.58
CA GLU B 179 -8.10 -16.83 -8.28
C GLU B 179 -8.37 -16.76 -6.78
N ASP B 180 -7.34 -16.47 -5.98
CA ASP B 180 -7.47 -16.35 -4.54
C ASP B 180 -7.20 -14.92 -4.11
N PHE B 181 -7.90 -14.48 -3.08
CA PHE B 181 -7.75 -13.13 -2.54
C PHE B 181 -7.18 -13.21 -1.14
N TYR B 182 -6.09 -12.47 -0.91
CA TYR B 182 -5.46 -12.39 0.39
C TYR B 182 -5.67 -11.00 0.97
N ILE B 183 -5.95 -10.95 2.28
CA ILE B 183 -6.40 -9.74 2.94
C ILE B 183 -5.38 -9.35 4.00
N LYS B 184 -4.95 -8.09 3.98
CA LYS B 184 -4.07 -7.54 5.00
C LYS B 184 -4.82 -6.70 6.02
N ASN B 185 -5.60 -5.73 5.55
CA ASN B 185 -6.35 -4.82 6.44
C ASN B 185 -7.77 -5.34 6.59
N HIS B 186 -8.20 -5.50 7.84
CA HIS B 186 -9.52 -6.03 8.14
C HIS B 186 -10.56 -4.94 8.38
N LYS B 187 -10.14 -3.74 8.76
CA LYS B 187 -11.08 -2.68 9.09
C LYS B 187 -11.75 -2.12 7.85
N THR B 188 -10.98 -1.90 6.79
CA THR B 188 -11.55 -1.44 5.53
C THR B 188 -12.41 -2.51 4.87
N LEU B 189 -12.17 -3.78 5.14
CA LEU B 189 -13.02 -4.82 4.60
C LEU B 189 -14.32 -4.94 5.38
N GLU B 190 -14.27 -4.75 6.71
CA GLU B 190 -15.48 -4.77 7.50
C GLU B 190 -16.29 -3.49 7.36
N THR B 191 -15.69 -2.40 6.87
CA THR B 191 -16.39 -1.13 6.72
C THR B 191 -16.87 -0.89 5.29
N GLN B 192 -15.98 -0.92 4.30
CA GLN B 192 -16.33 -0.48 2.96
C GLN B 192 -16.94 -1.57 2.10
N MET B 193 -16.53 -2.83 2.27
CA MET B 193 -16.98 -3.91 1.40
C MET B 193 -18.25 -4.58 1.88
N LYS B 194 -18.96 -3.99 2.85
CA LYS B 194 -20.28 -4.43 3.31
C LYS B 194 -20.24 -5.86 3.86
N PHE B 195 -19.16 -6.19 4.57
CA PHE B 195 -18.91 -7.55 5.05
C PHE B 195 -19.42 -7.79 6.46
N HIS B 196 -19.66 -6.73 7.24
CA HIS B 196 -20.06 -6.90 8.63
C HIS B 196 -21.48 -7.45 8.75
N GLN B 197 -22.30 -7.33 7.72
CA GLN B 197 -23.59 -8.03 7.74
C GLN B 197 -23.41 -9.53 7.60
N VAL B 198 -22.44 -9.97 6.79
CA VAL B 198 -22.11 -11.39 6.71
C VAL B 198 -21.55 -11.89 8.03
N ILE B 199 -20.70 -11.09 8.67
CA ILE B 199 -20.17 -11.44 9.98
C ILE B 199 -21.29 -11.50 11.03
N GLU B 200 -22.26 -10.60 10.92
CA GLU B 200 -23.39 -10.60 11.86
C GLU B 200 -24.32 -11.78 11.63
N ALA B 201 -24.50 -12.20 10.38
CA ALA B 201 -25.30 -13.39 10.10
C ALA B 201 -24.61 -14.64 10.63
N GLN B 202 -23.29 -14.70 10.49
CA GLN B 202 -22.53 -15.81 11.08
C GLN B 202 -22.60 -15.78 12.61
N ALA B 203 -22.64 -14.57 13.19
CA ALA B 203 -22.80 -14.44 14.63
C ALA B 203 -24.19 -14.87 15.08
N VAL B 204 -25.21 -14.63 14.25
CA VAL B 204 -26.56 -15.08 14.54
C VAL B 204 -26.62 -16.61 14.53
N ILE B 205 -25.95 -17.23 13.55
CA ILE B 205 -25.87 -18.70 13.48
C ILE B 205 -25.13 -19.25 14.70
N ALA B 206 -24.05 -18.57 15.12
CA ALA B 206 -23.30 -18.99 16.28
C ALA B 206 -24.10 -18.85 17.57
N LEU B 207 -24.90 -17.78 17.68
CA LEU B 207 -25.74 -17.60 18.86
C LEU B 207 -26.86 -18.63 18.90
N ASN B 208 -27.39 -19.01 17.73
CA ASN B 208 -28.38 -20.09 17.68
C ASN B 208 -27.77 -21.42 18.11
N SER B 209 -26.53 -21.69 17.67
CA SER B 209 -25.85 -22.91 18.08
C SER B 209 -25.50 -22.90 19.56
N LEU B 210 -25.17 -21.73 20.12
CA LEU B 210 -24.89 -21.62 21.54
C LEU B 210 -26.15 -21.79 22.37
N ARG B 211 -27.29 -21.30 21.86
CA ARG B 211 -28.56 -21.52 22.53
C ARG B 211 -28.96 -23.00 22.48
N ASP B 212 -28.72 -23.65 21.34
CA ASP B 212 -29.02 -25.07 21.23
C ASP B 212 -28.04 -25.95 22.00
N SER B 213 -26.86 -25.42 22.35
CA SER B 213 -25.90 -26.18 23.14
C SER B 213 -26.35 -26.36 24.58
N LEU B 214 -27.26 -25.50 25.07
CA LEU B 214 -27.87 -25.57 26.39
C LEU B 214 -26.80 -25.49 27.50
N LEU B 215 -25.98 -24.44 27.41
CA LEU B 215 -24.88 -24.23 28.36
C LEU B 215 -25.00 -22.90 29.09
N ILE B 216 -25.21 -21.82 28.36
CA ILE B 216 -25.25 -20.49 28.95
C ILE B 216 -26.61 -20.28 29.64
N GLU B 217 -26.57 -19.82 30.89
CA GLU B 217 -27.81 -19.57 31.62
C GLU B 217 -28.50 -18.31 31.12
N ASP B 218 -27.72 -17.25 30.84
CA ASP B 218 -28.27 -15.98 30.39
C ASP B 218 -27.77 -15.70 28.97
N ILE B 219 -28.61 -16.05 27.99
CA ILE B 219 -28.25 -15.85 26.59
C ILE B 219 -28.19 -14.36 26.25
N SER B 220 -29.06 -13.55 26.87
CA SER B 220 -29.25 -12.16 26.50
C SER B 220 -28.03 -11.28 26.75
N GLY B 221 -27.10 -11.68 27.60
CA GLY B 221 -25.84 -10.96 27.70
C GLY B 221 -24.99 -11.09 26.45
N LEU B 222 -24.90 -12.31 25.90
CA LEU B 222 -24.17 -12.52 24.66
C LEU B 222 -24.84 -11.84 23.48
N GLU B 223 -26.17 -11.87 23.44
CA GLU B 223 -26.92 -11.14 22.41
C GLU B 223 -26.72 -9.64 22.57
N LYS B 224 -26.62 -9.17 23.82
CA LYS B 224 -26.35 -7.75 24.08
C LYS B 224 -24.97 -7.35 23.58
N SER B 225 -23.97 -8.22 23.76
CA SER B 225 -22.64 -7.92 23.28
C SER B 225 -22.45 -8.20 21.79
N SER B 226 -23.40 -8.90 21.15
CA SER B 226 -23.21 -9.37 19.79
C SER B 226 -23.26 -8.29 18.72
N ARG B 227 -23.75 -7.07 19.02
CA ARG B 227 -23.75 -6.06 17.97
C ARG B 227 -22.36 -5.48 17.70
N GLU B 228 -21.40 -5.65 18.61
CA GLU B 228 -20.06 -5.16 18.35
C GLU B 228 -19.37 -6.02 17.30
N ILE B 229 -18.70 -5.35 16.35
CA ILE B 229 -18.04 -6.05 15.25
C ILE B 229 -16.83 -6.83 15.77
N SER B 230 -16.12 -6.28 16.75
CA SER B 230 -14.99 -6.99 17.35
C SER B 230 -15.43 -8.23 18.10
N PHE B 231 -16.64 -8.21 18.67
CA PHE B 231 -17.20 -9.42 19.26
C PHE B 231 -17.72 -10.36 18.18
N ALA B 232 -18.32 -9.81 17.13
CA ALA B 232 -18.86 -10.60 16.03
C ALA B 232 -17.78 -11.36 15.27
N ARG B 233 -16.54 -10.86 15.26
CA ARG B 233 -15.42 -11.63 14.76
C ARG B 233 -15.25 -12.93 15.55
N LYS B 234 -15.36 -12.84 16.88
CA LYS B 234 -15.21 -14.01 17.73
C LYS B 234 -16.38 -14.97 17.58
N LEU B 235 -17.62 -14.46 17.40
CA LEU B 235 -18.71 -15.41 17.14
C LEU B 235 -18.59 -16.04 15.75
N ALA B 236 -18.02 -15.33 14.77
CA ALA B 236 -17.79 -15.94 13.46
C ALA B 236 -16.74 -17.05 13.55
N LYS B 237 -15.67 -16.80 14.31
CA LYS B 237 -14.66 -17.82 14.56
C LYS B 237 -15.25 -19.00 15.32
N ILE B 238 -16.15 -18.72 16.27
CA ILE B 238 -16.82 -19.78 17.02
C ILE B 238 -17.73 -20.61 16.12
N SER B 239 -18.41 -19.96 15.18
CA SER B 239 -19.31 -20.67 14.28
C SER B 239 -18.54 -21.56 13.31
N LYS B 240 -17.38 -21.12 12.82
CA LYS B 240 -16.75 -21.87 11.75
C LYS B 240 -15.57 -22.75 12.18
N HIS B 241 -14.84 -22.41 13.25
CA HIS B 241 -13.63 -23.16 13.57
C HIS B 241 -13.45 -23.42 15.06
N SER B 242 -14.53 -23.58 15.80
CA SER B 242 -14.37 -23.89 17.23
C SER B 242 -14.21 -25.39 17.40
N PRO B 243 -13.16 -25.86 18.09
CA PRO B 243 -12.97 -27.30 18.29
C PRO B 243 -13.53 -27.86 19.59
N VAL B 244 -14.33 -27.11 20.33
CA VAL B 244 -14.85 -27.59 21.61
C VAL B 244 -16.38 -27.51 21.61
N LEU B 245 -16.93 -26.57 20.85
CA LEU B 245 -18.37 -26.36 20.82
C LEU B 245 -19.04 -27.42 19.95
N GLY B 246 -19.70 -28.38 20.58
CA GLY B 246 -20.39 -29.43 19.88
C GLY B 246 -19.57 -30.69 19.65
N LYS B 247 -18.24 -30.59 19.74
CA LYS B 247 -17.41 -31.77 19.55
C LYS B 247 -17.41 -32.66 20.79
N ILE B 248 -17.42 -32.06 21.98
CA ILE B 248 -17.35 -32.80 23.23
C ILE B 248 -18.61 -32.51 24.05
N ASP B 249 -18.81 -33.32 25.09
CA ASP B 249 -19.95 -33.17 25.97
C ASP B 249 -19.75 -31.94 26.85
N THR B 250 -20.87 -31.35 27.26
CA THR B 250 -20.83 -30.15 28.09
C THR B 250 -20.35 -30.45 29.51
N LYS B 251 -20.53 -31.70 29.96
CA LYS B 251 -20.07 -32.09 31.30
C LYS B 251 -18.55 -32.02 31.41
N THR B 252 -17.84 -32.36 30.34
CA THR B 252 -16.39 -32.22 30.32
C THR B 252 -15.99 -30.75 30.41
N ILE B 253 -16.74 -29.87 29.76
CA ILE B 253 -16.46 -28.43 29.81
C ILE B 253 -16.66 -27.90 31.23
N ILE B 254 -17.78 -28.25 31.87
CA ILE B 254 -18.04 -27.77 33.22
C ILE B 254 -17.07 -28.39 34.23
N ASP B 255 -16.61 -29.62 33.97
CA ASP B 255 -15.55 -30.19 34.79
C ASP B 255 -14.23 -29.45 34.60
N TYR B 256 -13.95 -28.98 33.38
CA TYR B 256 -12.73 -28.22 33.15
C TYR B 256 -12.76 -26.87 33.86
N VAL B 257 -13.92 -26.20 33.84
CA VAL B 257 -14.04 -24.95 34.62
C VAL B 257 -14.00 -25.24 36.12
N SER B 258 -14.56 -26.36 36.57
CA SER B 258 -14.52 -26.69 37.99
C SER B 258 -13.14 -27.19 38.43
N GLN B 259 -12.26 -27.53 37.49
CA GLN B 259 -10.95 -28.06 37.84
C GLN B 259 -9.83 -27.25 37.21
N HIS B 260 -9.88 -25.93 37.34
CA HIS B 260 -8.84 -25.06 36.83
C HIS B 260 -8.48 -24.02 37.89
N LYS B 261 -7.25 -23.52 37.79
CA LYS B 261 -6.78 -22.51 38.74
C LYS B 261 -7.35 -21.12 38.45
N TYR B 262 -7.56 -20.79 37.18
CA TYR B 262 -8.02 -19.46 36.79
C TYR B 262 -9.51 -19.42 36.47
N LEU B 263 -10.04 -20.43 35.75
CA LEU B 263 -11.43 -20.38 35.34
C LEU B 263 -12.40 -20.65 36.49
N SER B 264 -11.97 -21.31 37.55
CA SER B 264 -12.86 -21.54 38.68
C SER B 264 -13.09 -20.27 39.48
N ALA B 265 -12.14 -19.34 39.45
CA ALA B 265 -12.28 -18.08 40.17
C ALA B 265 -12.88 -16.97 39.31
N ILE B 266 -13.12 -17.22 38.03
CA ILE B 266 -13.68 -16.21 37.15
C ILE B 266 -15.07 -16.63 36.68
N LEU B 267 -15.16 -17.78 36.01
CA LEU B 267 -16.42 -18.31 35.56
C LEU B 267 -17.05 -19.15 36.66
N GLN B 268 -18.30 -18.86 36.99
CA GLN B 268 -18.98 -19.45 38.13
C GLN B 268 -19.97 -20.51 37.67
N ILE B 269 -19.94 -21.66 38.33
CA ILE B 269 -20.88 -22.74 38.04
C ILE B 269 -22.21 -22.42 38.73
N ASN B 270 -23.32 -22.77 38.08
CA ASN B 270 -24.64 -22.49 38.61
C ASN B 270 -24.96 -23.41 39.78
N GLU B 271 -26.15 -23.21 40.35
CA GLU B 271 -26.58 -23.97 41.53
C GLU B 271 -26.88 -25.42 41.18
N ALA B 272 -27.39 -25.68 39.98
CA ALA B 272 -27.70 -27.06 39.57
C ALA B 272 -26.49 -27.80 39.03
N GLY B 273 -25.36 -27.13 38.87
CA GLY B 273 -24.15 -27.77 38.39
C GLY B 273 -24.19 -28.22 36.94
N ASP B 274 -24.91 -27.50 36.08
CA ASP B 274 -24.96 -27.84 34.67
C ASP B 274 -24.82 -26.65 33.74
N LYS B 275 -24.94 -25.42 34.23
CA LYS B 275 -24.90 -24.22 33.41
C LYS B 275 -23.76 -23.32 33.87
N LEU B 276 -23.49 -22.30 33.06
CA LEU B 276 -22.48 -21.28 33.36
C LEU B 276 -23.15 -19.92 33.45
N LEU B 277 -22.85 -19.18 34.51
CA LEU B 277 -23.40 -17.85 34.74
C LEU B 277 -22.46 -16.83 34.09
N ILE B 278 -22.88 -16.29 32.95
CA ILE B 278 -22.07 -15.36 32.17
C ILE B 278 -22.84 -14.05 32.12
N LYS B 279 -22.45 -13.09 32.97
CA LYS B 279 -23.15 -11.82 33.06
C LYS B 279 -22.26 -10.63 32.74
N THR B 280 -21.10 -10.53 33.36
CA THR B 280 -20.23 -9.37 33.18
C THR B 280 -19.51 -9.44 31.83
N LYS B 281 -18.97 -8.30 31.41
CA LYS B 281 -18.22 -8.24 30.16
C LYS B 281 -16.91 -9.00 30.26
N THR B 282 -16.27 -8.96 31.43
CA THR B 282 -15.05 -9.74 31.65
C THR B 282 -15.33 -11.24 31.59
N SER B 283 -16.44 -11.67 32.19
CA SER B 283 -16.82 -13.08 32.10
C SER B 283 -17.22 -13.47 30.68
N GLN B 284 -17.82 -12.53 29.93
CA GLN B 284 -18.14 -12.79 28.53
C GLN B 284 -16.86 -12.99 27.70
N LYS B 285 -15.86 -12.11 27.90
CA LYS B 285 -14.61 -12.23 27.19
C LYS B 285 -13.86 -13.51 27.56
N HIS B 286 -13.87 -13.87 28.86
CA HIS B 286 -13.19 -15.08 29.29
C HIS B 286 -13.90 -16.33 28.80
N PHE B 287 -15.24 -16.31 28.72
CA PHE B 287 -15.97 -17.45 28.16
C PHE B 287 -15.73 -17.57 26.67
N ILE B 288 -15.63 -16.43 25.97
CA ILE B 288 -15.35 -16.45 24.53
C ILE B 288 -13.96 -17.02 24.27
N LYS B 289 -12.97 -16.61 25.07
CA LYS B 289 -11.62 -17.16 24.90
C LYS B 289 -11.53 -18.61 25.36
N LEU B 290 -12.38 -19.02 26.30
CA LEU B 290 -12.42 -20.43 26.69
C LEU B 290 -13.00 -21.29 25.58
N MET B 291 -14.09 -20.84 24.97
CA MET B 291 -14.68 -21.55 23.84
C MET B 291 -13.88 -21.40 22.56
N SER B 292 -12.94 -20.47 22.51
CA SER B 292 -12.02 -20.35 21.38
C SER B 292 -10.77 -21.21 21.55
N ASP B 293 -10.68 -21.94 22.67
CA ASP B 293 -9.49 -22.71 23.07
C ASP B 293 -8.23 -21.84 23.10
N ASP B 294 -8.30 -20.79 23.92
CA ASP B 294 -7.18 -19.89 24.12
C ASP B 294 -6.48 -20.07 25.46
N TYR B 295 -6.92 -21.05 26.26
CA TYR B 295 -6.31 -21.31 27.56
C TYR B 295 -5.47 -22.58 27.42
N LEU B 296 -4.17 -22.39 27.24
CA LEU B 296 -3.25 -23.49 26.98
C LEU B 296 -2.13 -23.48 28.00
N GLN B 297 -1.68 -24.68 28.39
CA GLN B 297 -0.58 -24.86 29.33
C GLN B 297 0.51 -25.70 28.69
N SER B 298 1.74 -25.45 29.08
CA SER B 298 2.88 -26.18 28.57
C SER B 298 3.09 -27.46 29.37
N ASP B 299 3.60 -28.49 28.69
CA ASP B 299 4.00 -29.72 29.34
C ASP B 299 5.46 -29.71 29.78
N LEU B 300 6.15 -28.59 29.56
CA LEU B 300 7.54 -28.43 29.97
C LEU B 300 7.66 -27.55 31.21
N THR B 301 7.11 -26.33 31.15
CA THR B 301 7.19 -25.40 32.26
C THR B 301 5.98 -25.44 33.18
N LYS B 302 4.90 -26.11 32.77
CA LYS B 302 3.63 -26.20 33.50
C LYS B 302 3.07 -24.83 33.84
N ILE B 303 3.09 -23.93 32.86
CA ILE B 303 2.60 -22.57 33.02
C ILE B 303 1.41 -22.38 32.10
N ILE B 304 0.29 -21.91 32.66
CA ILE B 304 -0.90 -21.61 31.87
C ILE B 304 -0.70 -20.30 31.14
N TYR B 305 -1.05 -20.28 29.84
CA TYR B 305 -0.84 -19.11 29.00
C TYR B 305 -2.11 -18.74 28.26
N MET B 306 -2.32 -17.45 28.08
CA MET B 306 -3.28 -16.94 27.11
C MET B 306 -2.62 -16.90 25.74
N SER B 307 -3.41 -17.15 24.70
CA SER B 307 -2.92 -17.16 23.33
C SER B 307 -3.78 -16.22 22.50
N ILE B 308 -3.24 -15.03 22.20
CA ILE B 308 -3.94 -14.10 21.31
C ILE B 308 -3.92 -14.63 19.89
N ALA B 309 -2.78 -15.15 19.46
CA ALA B 309 -2.62 -15.69 18.11
C ALA B 309 -2.20 -17.14 18.20
N LYS B 310 -3.10 -18.04 17.83
CA LYS B 310 -2.85 -19.47 17.87
C LYS B 310 -2.69 -20.01 16.45
N ASP B 311 -2.16 -21.22 16.35
CA ASP B 311 -2.04 -21.91 15.07
C ASP B 311 -2.05 -23.40 15.34
N ARG B 312 -2.94 -24.12 14.64
CA ARG B 312 -2.97 -25.57 14.76
C ARG B 312 -1.75 -26.16 14.09
N LEU B 313 -0.99 -26.96 14.84
CA LEU B 313 0.31 -27.42 14.39
C LEU B 313 0.21 -28.49 13.31
N ASP B 314 -0.84 -29.30 13.34
CA ASP B 314 -1.03 -30.37 12.35
C ASP B 314 -1.69 -29.83 11.09
N GLU B 315 -0.99 -28.92 10.42
CA GLU B 315 -1.48 -28.28 9.21
C GLU B 315 -0.31 -27.76 8.37
N MET C 1 2.23 -1.10 34.13
CA MET C 1 0.97 -0.35 34.21
C MET C 1 -0.14 -1.12 33.48
N THR C 2 -1.27 -1.29 34.17
CA THR C 2 -2.39 -2.04 33.61
C THR C 2 -3.05 -1.26 32.48
N THR C 3 -3.75 -2.00 31.62
CA THR C 3 -4.42 -1.39 30.47
C THR C 3 -5.64 -0.58 30.90
N GLN C 4 -6.30 -0.98 31.99
CA GLN C 4 -7.49 -0.26 32.44
C GLN C 4 -7.12 1.11 33.00
N GLN C 5 -6.03 1.20 33.77
CA GLN C 5 -5.56 2.49 34.25
C GLN C 5 -5.05 3.36 33.11
N LEU C 6 -4.46 2.73 32.08
CA LEU C 6 -4.04 3.44 30.88
C LEU C 6 -5.24 4.05 30.17
N LYS C 7 -6.31 3.27 30.04
CA LYS C 7 -7.53 3.76 29.39
C LYS C 7 -8.18 4.86 30.21
N GLU C 8 -8.16 4.73 31.54
CA GLU C 8 -8.73 5.77 32.40
C GLU C 8 -7.94 7.08 32.32
N LYS C 9 -6.61 7.00 32.30
CA LYS C 9 -5.79 8.19 32.17
C LYS C 9 -5.98 8.87 30.82
N ILE C 10 -6.03 8.07 29.75
CA ILE C 10 -6.24 8.64 28.42
C ILE C 10 -7.64 9.24 28.30
N SER C 11 -8.66 8.60 28.89
CA SER C 11 -10.01 9.16 28.88
C SER C 11 -10.10 10.46 29.68
N LYS C 12 -9.41 10.52 30.82
CA LYS C 12 -9.37 11.75 31.60
C LYS C 12 -8.67 12.88 30.85
N ILE C 13 -7.70 12.53 30.00
CA ILE C 13 -7.15 13.52 29.07
C ILE C 13 -8.18 13.88 27.99
N ILE C 14 -8.90 12.89 27.48
CA ILE C 14 -9.71 13.03 26.27
C ILE C 14 -10.95 13.89 26.50
N ASP C 15 -11.74 13.63 27.53
CA ASP C 15 -12.93 14.47 27.72
C ASP C 15 -12.60 15.81 28.38
N ASN C 16 -11.45 15.94 29.01
CA ASN C 16 -10.98 17.24 29.47
C ASN C 16 -9.96 17.82 28.47
N PHE C 17 -10.39 17.95 27.23
CA PHE C 17 -9.53 18.48 26.17
C PHE C 17 -9.39 19.99 26.32
N SER C 18 -8.16 20.49 26.26
CA SER C 18 -7.90 21.92 26.39
C SER C 18 -7.25 22.52 25.16
N GLY C 19 -6.15 21.95 24.69
CA GLY C 19 -5.43 22.53 23.57
C GLY C 19 -4.48 21.54 22.93
N ILE C 20 -3.94 21.96 21.79
CA ILE C 20 -3.06 21.10 20.98
C ILE C 20 -2.06 21.98 20.24
N ARG C 21 -0.78 21.67 20.40
CA ARG C 21 0.30 22.37 19.72
C ARG C 21 1.17 21.37 18.97
N VAL C 22 1.65 21.77 17.79
CA VAL C 22 2.47 20.93 16.93
C VAL C 22 3.85 21.54 16.85
N VAL C 23 4.87 20.77 17.26
CA VAL C 23 6.26 21.23 17.25
C VAL C 23 7.10 20.19 16.51
N PHE C 24 7.95 20.65 15.61
CA PHE C 24 8.75 19.73 14.80
C PHE C 24 9.99 19.27 15.58
N THR C 25 10.64 18.24 15.05
CA THR C 25 11.93 17.77 15.52
C THR C 25 12.93 17.86 14.39
N THR C 26 14.13 18.35 14.68
CA THR C 26 15.10 18.73 13.66
C THR C 26 16.24 17.72 13.61
N THR C 27 17.05 17.84 12.55
CA THR C 27 18.25 17.03 12.44
C THR C 27 19.35 17.51 13.39
N ALA C 28 19.34 18.80 13.72
CA ALA C 28 20.28 19.36 14.68
C ALA C 28 19.75 19.32 16.10
N ASN C 29 18.61 18.65 16.31
CA ASN C 29 18.02 18.33 17.62
C ASN C 29 17.68 19.60 18.41
N GLU C 30 16.80 20.41 17.83
CA GLU C 30 16.21 21.53 18.54
C GLU C 30 14.73 21.61 18.19
N LEU C 31 13.95 22.17 19.11
CA LEU C 31 12.52 22.34 18.90
C LEU C 31 12.26 23.51 17.96
N LYS C 32 11.33 23.30 17.03
CA LYS C 32 10.96 24.34 16.07
C LYS C 32 9.43 24.31 15.93
N LEU C 33 8.76 25.19 16.68
CA LEU C 33 7.31 25.22 16.68
C LEU C 33 6.81 25.82 15.38
N SER C 34 5.67 25.33 14.89
CA SER C 34 5.19 25.62 13.54
C SER C 34 4.11 26.71 13.56
N ARG C 35 3.51 26.95 12.39
CA ARG C 35 2.49 27.97 12.18
C ARG C 35 1.26 27.36 11.54
N ILE C 36 0.73 26.28 12.13
CA ILE C 36 -0.42 25.58 11.58
C ILE C 36 -1.65 26.47 11.65
N GLU C 37 -2.37 26.57 10.53
CA GLU C 37 -3.60 27.37 10.46
C GLU C 37 -4.66 26.79 11.38
N GLY C 38 -5.48 27.68 11.94
CA GLY C 38 -6.37 27.30 13.04
C GLY C 38 -7.46 26.32 12.65
N SER C 39 -8.04 26.50 11.45
CA SER C 39 -9.00 25.52 10.95
C SER C 39 -8.32 24.19 10.65
N ALA C 40 -7.12 24.23 10.06
CA ALA C 40 -6.38 23.01 9.78
C ALA C 40 -5.90 22.34 11.07
N LEU C 41 -5.48 23.13 12.06
CA LEU C 41 -5.04 22.57 13.34
C LEU C 41 -6.22 21.95 14.07
N ASN C 42 -7.41 22.57 13.98
CA ASN C 42 -8.60 21.99 14.56
C ASN C 42 -9.00 20.69 13.85
N SER C 43 -8.86 20.66 12.52
CA SER C 43 -9.20 19.44 11.76
C SER C 43 -8.28 18.29 12.12
N ILE C 44 -6.97 18.56 12.22
CA ILE C 44 -6.01 17.56 12.67
C ILE C 44 -6.29 17.16 14.11
N ALA C 45 -6.74 18.11 14.93
CA ALA C 45 -7.05 17.82 16.33
C ALA C 45 -8.21 16.84 16.45
N GLU C 46 -9.33 17.10 15.78
CA GLU C 46 -10.47 16.18 15.85
C GLU C 46 -10.17 14.85 15.17
N GLY C 47 -9.37 14.87 14.09
CA GLY C 47 -8.98 13.60 13.46
C GLY C 47 -8.09 12.75 14.36
N PHE C 48 -7.17 13.39 15.08
CA PHE C 48 -6.32 12.67 16.01
C PHE C 48 -7.11 12.18 17.22
N ILE C 49 -8.12 12.95 17.65
CA ILE C 49 -9.00 12.51 18.73
C ILE C 49 -9.77 11.26 18.31
N ASP C 50 -10.31 11.28 17.08
CA ASP C 50 -11.04 10.12 16.57
C ASP C 50 -10.12 8.91 16.41
N LYS C 51 -8.89 9.12 15.91
CA LYS C 51 -7.96 8.03 15.73
C LYS C 51 -7.52 7.42 17.07
N ILE C 52 -7.21 8.25 18.06
CA ILE C 52 -6.78 7.71 19.34
C ILE C 52 -7.96 7.10 20.09
N LYS C 53 -9.19 7.58 19.85
CA LYS C 53 -10.37 6.96 20.43
C LYS C 53 -10.60 5.58 19.86
N GLU C 54 -10.51 5.45 18.53
CA GLU C 54 -10.66 4.16 17.86
C GLU C 54 -9.57 3.18 18.27
N ASP C 55 -8.34 3.67 18.42
CA ASP C 55 -7.23 2.80 18.75
C ASP C 55 -7.25 2.33 20.20
N ILE C 56 -7.56 3.22 21.15
CA ILE C 56 -7.30 2.97 22.56
C ILE C 56 -8.59 2.93 23.39
N ILE C 57 -9.53 3.85 23.13
CA ILE C 57 -10.60 4.10 24.11
C ILE C 57 -11.65 2.99 24.05
N ASN C 58 -12.22 2.74 22.88
CA ASN C 58 -13.28 1.74 22.77
C ASN C 58 -12.75 0.36 22.38
N ASN C 59 -11.43 0.20 22.27
CA ASN C 59 -10.85 -1.08 21.90
C ASN C 59 -10.94 -2.06 23.05
N GLU C 60 -11.39 -3.28 22.77
CA GLU C 60 -11.56 -4.31 23.78
C GLU C 60 -10.40 -5.29 23.85
N ASP C 61 -9.69 -5.51 22.74
CA ASP C 61 -8.58 -6.46 22.69
C ASP C 61 -7.23 -5.79 22.90
N LEU C 62 -7.20 -4.65 23.58
CA LEU C 62 -5.95 -3.94 23.80
C LEU C 62 -5.13 -4.61 24.91
N THR C 63 -3.84 -4.78 24.64
CA THR C 63 -2.91 -5.33 25.61
C THR C 63 -1.65 -4.49 25.61
N SER C 64 -1.02 -4.34 26.77
CA SER C 64 0.20 -3.55 26.91
C SER C 64 1.26 -4.39 27.61
N PRO C 65 1.99 -5.23 26.86
CA PRO C 65 3.10 -5.97 27.47
C PRO C 65 4.40 -5.19 27.37
N LEU C 66 5.46 -5.70 27.98
CA LEU C 66 6.75 -5.06 27.91
C LEU C 66 7.39 -5.28 26.54
N LEU C 67 8.31 -4.37 26.19
CA LEU C 67 9.01 -4.48 24.91
C LEU C 67 9.97 -5.68 24.89
N SER C 68 10.47 -6.08 26.05
CA SER C 68 11.36 -7.24 26.10
C SER C 68 10.62 -8.53 25.77
N ASN C 69 9.34 -8.61 26.06
CA ASN C 69 8.50 -9.72 25.62
C ASN C 69 7.78 -9.37 24.33
N PHE C 70 8.56 -9.06 23.30
CA PHE C 70 8.01 -8.60 22.03
C PHE C 70 7.43 -9.77 21.25
N ASP C 71 6.18 -9.63 20.83
CA ASP C 71 5.50 -10.61 20.00
C ASP C 71 5.02 -9.93 18.72
N ASP C 72 4.21 -10.67 17.94
CA ASP C 72 3.69 -10.19 16.67
C ASP C 72 2.17 -10.07 16.71
N ARG C 73 1.64 -9.55 17.81
CA ARG C 73 0.21 -9.30 17.92
C ARG C 73 -0.15 -7.93 17.36
N LYS C 74 -1.38 -7.81 16.88
CA LYS C 74 -1.88 -6.55 16.36
C LYS C 74 -2.45 -5.72 17.52
N ASN C 75 -2.91 -4.51 17.17
CA ASN C 75 -3.64 -3.50 17.97
C ASN C 75 -3.21 -3.38 19.44
N ALA C 76 -1.91 -3.46 19.67
CA ALA C 76 -1.34 -3.44 21.01
C ALA C 76 -0.27 -2.37 21.10
N LEU C 77 -0.13 -1.81 22.30
CA LEU C 77 0.87 -0.77 22.56
C LEU C 77 1.88 -1.32 23.55
N PHE C 78 3.10 -1.58 23.07
CA PHE C 78 4.13 -2.15 23.93
C PHE C 78 4.69 -1.11 24.88
N LYS C 79 4.96 -1.52 26.10
CA LYS C 79 5.55 -0.65 27.10
C LYS C 79 7.07 -0.69 27.01
N PHE C 80 7.69 0.48 27.09
CA PHE C 80 9.14 0.55 27.05
C PHE C 80 9.73 0.06 28.37
N ASP C 81 10.69 -0.85 28.27
CA ASP C 81 11.28 -1.51 29.44
C ASP C 81 12.72 -1.10 29.69
N TYR C 82 13.47 -0.76 28.66
CA TYR C 82 14.87 -0.40 28.82
C TYR C 82 15.01 0.98 29.44
N GLU C 83 15.94 1.10 30.40
CA GLU C 83 16.23 2.40 30.99
C GLU C 83 17.09 3.28 30.08
N GLN C 84 17.77 2.69 29.10
CA GLN C 84 18.60 3.44 28.17
C GLN C 84 17.72 4.12 27.14
N TYR C 85 17.56 5.44 27.27
CA TYR C 85 16.68 6.20 26.39
C TYR C 85 17.47 6.77 25.24
N PRO C 86 17.08 6.53 23.98
CA PRO C 86 17.63 7.30 22.87
C PRO C 86 17.26 8.78 22.96
N GLU C 87 17.96 9.59 22.16
CA GLU C 87 17.90 11.05 22.27
C GLU C 87 16.54 11.62 21.88
N GLU C 88 15.77 10.90 21.06
CA GLU C 88 14.44 11.38 20.68
C GLU C 88 13.48 11.33 21.86
N PHE C 89 13.69 10.42 22.81
CA PHE C 89 12.84 10.40 24.01
C PHE C 89 13.13 11.59 24.90
N ASN C 90 14.41 11.97 25.01
CA ASN C 90 14.76 13.21 25.70
C ASN C 90 14.21 14.43 24.97
N LYS C 91 14.15 14.36 23.64
CA LYS C 91 13.51 15.43 22.87
C LYS C 91 12.02 15.52 23.16
N ILE C 92 11.36 14.37 23.32
CA ILE C 92 9.94 14.36 23.67
C ILE C 92 9.71 14.94 25.06
N THR C 93 10.54 14.53 26.03
CA THR C 93 10.40 15.04 27.39
C THR C 93 10.83 16.50 27.52
N GLN C 94 11.62 17.01 26.58
CA GLN C 94 11.82 18.46 26.50
C GLN C 94 10.61 19.14 25.87
N ALA C 95 10.00 18.50 24.88
CA ALA C 95 8.87 19.08 24.15
C ALA C 95 7.57 19.04 24.92
N ILE C 96 7.50 18.31 26.03
CA ILE C 96 6.31 18.40 26.89
C ILE C 96 6.42 19.53 27.91
N ALA C 97 7.55 20.25 27.94
CA ALA C 97 7.76 21.32 28.90
C ALA C 97 8.28 22.59 28.23
N ILE C 98 7.99 22.80 26.95
CA ILE C 98 8.38 24.00 26.23
C ILE C 98 7.41 25.11 26.64
N PRO C 99 7.89 26.24 27.17
CA PRO C 99 6.98 27.33 27.52
C PRO C 99 6.39 27.96 26.28
N PRO C 100 5.14 28.44 26.34
CA PRO C 100 4.53 29.07 25.16
C PRO C 100 5.09 30.44 24.84
N ASN C 101 5.77 31.10 25.78
CA ASN C 101 6.36 32.40 25.53
C ASN C 101 7.70 32.32 24.81
N SER C 102 8.24 31.12 24.62
CA SER C 102 9.50 30.97 23.90
C SER C 102 9.33 31.24 22.42
N GLN C 103 10.40 31.75 21.80
CA GLN C 103 10.38 32.12 20.39
C GLN C 103 11.41 31.37 19.57
N ASP C 104 11.81 30.18 20.01
CA ASP C 104 12.65 29.31 19.18
C ASP C 104 11.76 28.73 18.10
N TYR C 105 11.63 29.45 16.99
CA TYR C 105 10.53 29.24 16.07
C TYR C 105 11.06 28.75 14.72
N TYR C 106 10.22 28.01 14.00
CA TYR C 106 10.65 27.34 12.78
C TYR C 106 10.78 28.32 11.62
N ASN C 107 11.81 28.12 10.81
CA ASN C 107 11.98 28.85 9.56
C ASN C 107 11.57 27.94 8.43
N PRO C 108 10.46 28.22 7.72
CA PRO C 108 10.00 27.32 6.66
C PRO C 108 10.71 27.49 5.32
N LEU C 109 11.82 28.22 5.27
CA LEU C 109 12.61 28.34 4.06
C LEU C 109 13.66 27.24 3.93
N ASN C 110 13.68 26.29 4.86
CA ASN C 110 14.64 25.20 4.87
C ASN C 110 14.19 24.01 4.03
N LYS C 111 13.24 24.22 3.10
CA LYS C 111 12.73 23.26 2.12
C LYS C 111 12.02 22.07 2.77
N PHE C 112 11.70 22.17 4.07
CA PHE C 112 11.04 21.12 4.88
C PHE C 112 11.79 19.79 4.85
N THR C 113 13.11 19.83 4.67
CA THR C 113 13.95 18.65 4.78
C THR C 113 14.73 18.60 6.08
N ASP C 114 14.70 19.67 6.87
CA ASP C 114 15.39 19.68 8.14
C ASP C 114 14.57 18.88 9.16
N VAL C 115 13.24 18.90 9.02
CA VAL C 115 12.36 18.22 9.97
C VAL C 115 12.46 16.71 9.78
N LYS C 116 12.63 15.99 10.89
CA LYS C 116 12.71 14.53 10.88
C LYS C 116 11.67 13.89 11.79
N GLY C 117 10.70 14.66 12.28
CA GLY C 117 9.68 14.12 13.15
C GLY C 117 8.66 15.16 13.60
N ILE C 118 7.39 14.75 13.68
CA ILE C 118 6.30 15.64 14.06
C ILE C 118 5.80 15.22 15.42
N ILE C 119 5.69 16.17 16.34
CA ILE C 119 5.22 15.92 17.70
C ILE C 119 3.82 16.50 17.83
N ILE C 120 2.88 15.68 18.28
CA ILE C 120 1.50 16.12 18.54
C ILE C 120 1.30 16.12 20.05
N LEU C 121 1.05 17.29 20.61
CA LEU C 121 0.89 17.46 22.06
C LEU C 121 -0.60 17.62 22.36
N ILE C 122 -1.26 16.52 22.69
CA ILE C 122 -2.65 16.58 23.14
C ILE C 122 -2.63 17.01 24.60
N SER C 123 -2.99 18.26 24.86
CA SER C 123 -2.88 18.85 26.19
C SER C 123 -4.26 18.97 26.82
N GLY C 124 -4.37 18.55 28.07
CA GLY C 124 -5.63 18.67 28.78
C GLY C 124 -5.52 18.00 30.14
N ASP C 125 -6.47 18.39 31.02
CA ASP C 125 -6.53 17.96 32.42
C ASP C 125 -5.21 18.23 33.15
N ASN C 126 -4.67 19.43 32.90
CA ASN C 126 -3.30 19.88 33.22
C ASN C 126 -2.25 18.77 33.03
N LYS C 127 -2.36 18.09 31.88
CA LYS C 127 -1.45 17.02 31.49
C LYS C 127 -1.22 17.13 29.99
N CYS C 128 -0.15 16.48 29.53
CA CYS C 128 0.21 16.51 28.11
C CYS C 128 0.35 15.10 27.59
N LEU C 129 -0.19 14.87 26.40
CA LEU C 129 -0.07 13.59 25.70
C LEU C 129 0.72 13.83 24.43
N ALA C 130 2.00 13.45 24.45
CA ALA C 130 2.91 13.72 23.35
C ALA C 130 2.87 12.56 22.37
N LEU C 131 2.40 12.82 21.16
CA LEU C 131 2.35 11.82 20.08
C LEU C 131 3.39 12.19 19.04
N TYR C 132 4.34 11.29 18.80
CA TYR C 132 5.39 11.52 17.82
C TYR C 132 5.08 10.70 16.58
N LYS C 133 5.37 11.28 15.42
CA LYS C 133 5.33 10.55 14.15
C LYS C 133 6.61 10.86 13.39
N ASN C 134 7.12 9.86 12.67
CA ASN C 134 8.28 10.06 11.82
C ASN C 134 7.91 10.89 10.59
N LYS C 135 8.94 11.27 9.83
CA LYS C 135 8.76 12.07 8.62
C LYS C 135 8.04 11.30 7.52
N THR C 136 8.05 9.95 7.60
CA THR C 136 7.55 8.97 6.60
C THR C 136 7.77 9.41 5.16
N ASN C 137 9.05 9.73 4.88
CA ASN C 137 9.71 9.89 3.57
C ASN C 137 8.99 10.77 2.55
N LEU C 138 8.07 11.62 3.03
CA LEU C 138 7.20 12.47 2.21
C LEU C 138 6.46 11.64 1.15
N ALA C 139 5.55 10.81 1.65
CA ALA C 139 4.76 9.91 0.81
C ALA C 139 3.98 10.69 -0.24
N VAL C 140 3.91 10.12 -1.44
CA VAL C 140 3.68 10.89 -2.65
C VAL C 140 2.20 11.28 -2.78
N LEU C 141 1.97 12.56 -3.00
CA LEU C 141 0.64 13.11 -3.26
C LEU C 141 0.38 13.16 -4.76
N ARG C 142 -0.82 13.59 -5.14
CA ARG C 142 -1.16 13.64 -6.57
C ARG C 142 -1.97 14.89 -6.87
N ASN C 143 -1.47 15.71 -7.78
CA ASN C 143 -2.18 16.89 -8.24
C ASN C 143 -2.97 16.57 -9.51
N SER C 144 -3.44 17.61 -10.18
CA SER C 144 -4.30 17.53 -11.36
C SER C 144 -3.79 18.46 -12.45
N ARG C 145 -2.51 18.30 -12.80
CA ARG C 145 -1.69 19.29 -13.52
C ARG C 145 -2.30 19.76 -14.84
N LYS C 146 -2.34 21.08 -15.00
CA LYS C 146 -3.03 21.80 -16.06
C LYS C 146 -2.09 22.12 -17.20
N MET C 147 -2.57 22.95 -18.14
CA MET C 147 -1.73 23.57 -19.14
C MET C 147 -1.80 25.10 -18.99
N PHE C 148 -0.68 25.75 -19.32
CA PHE C 148 -0.47 27.19 -19.19
C PHE C 148 -0.77 27.69 -17.78
N ASN C 149 -1.86 28.44 -17.63
CA ASN C 149 -2.35 28.85 -16.33
C ASN C 149 -3.85 28.62 -16.15
N LEU C 150 -4.52 28.06 -17.17
CA LEU C 150 -5.93 27.74 -17.06
C LEU C 150 -6.08 26.51 -16.17
N VAL C 151 -6.65 26.70 -14.99
CA VAL C 151 -6.63 25.70 -13.90
C VAL C 151 -7.36 24.40 -14.23
N PRO C 152 -8.59 24.37 -14.78
CA PRO C 152 -9.14 23.07 -15.19
C PRO C 152 -8.46 22.52 -16.44
N ASP C 153 -8.47 21.20 -16.54
CA ASP C 153 -7.90 20.48 -17.67
C ASP C 153 -8.65 19.17 -17.89
N PRO C 154 -9.41 19.04 -18.99
CA PRO C 154 -10.08 17.76 -19.28
C PRO C 154 -9.13 16.58 -19.44
N ASP C 155 -7.98 16.80 -20.06
CA ASP C 155 -6.97 15.75 -20.25
C ASP C 155 -5.63 16.28 -19.77
N GLY C 156 -5.10 15.70 -18.71
CA GLY C 156 -3.83 16.11 -18.18
C GLY C 156 -3.16 15.04 -17.35
N TYR C 157 -1.84 14.95 -17.43
CA TYR C 157 -1.10 13.97 -16.64
C TYR C 157 -1.04 14.44 -15.19
N LEU C 158 -1.49 13.60 -14.28
CA LEU C 158 -1.44 13.92 -12.85
C LEU C 158 -0.03 13.70 -12.33
N LYS C 159 0.51 14.71 -11.65
CA LYS C 159 1.88 14.62 -11.16
C LYS C 159 1.98 14.94 -9.67
N GLN C 160 3.19 15.10 -9.15
CA GLN C 160 3.45 15.28 -7.73
C GLN C 160 4.12 16.62 -7.45
N LEU C 161 3.65 17.29 -6.41
CA LEU C 161 4.39 18.41 -5.87
C LEU C 161 5.65 17.91 -5.15
N PRO C 162 6.81 18.60 -5.32
CA PRO C 162 8.11 17.99 -4.96
C PRO C 162 8.33 17.72 -3.48
N ASN C 163 8.27 18.74 -2.63
CA ASN C 163 8.60 18.53 -1.22
C ASN C 163 7.74 19.34 -0.25
N GLU C 164 6.65 19.95 -0.72
CA GLU C 164 5.72 20.66 0.16
C GLU C 164 4.54 19.79 0.56
N ILE C 165 4.75 18.47 0.63
CA ILE C 165 3.66 17.55 0.95
C ILE C 165 3.30 17.60 2.42
N LEU C 166 4.25 17.22 3.28
CA LEU C 166 4.09 17.12 4.74
C LEU C 166 2.91 16.21 5.11
N ARG C 167 2.99 14.97 4.62
CA ARG C 167 1.96 13.97 4.92
C ARG C 167 2.14 13.50 6.35
N LEU C 168 1.21 13.88 7.23
CA LEU C 168 1.28 13.48 8.63
C LEU C 168 0.08 12.66 9.08
N ASP C 169 -0.94 12.51 8.25
CA ASP C 169 -2.10 11.62 8.41
C ASP C 169 -2.82 11.90 9.73
N PHE C 170 -3.44 10.86 10.28
CA PHE C 170 -3.89 10.85 11.66
C PHE C 170 -3.24 9.74 12.47
N ASN C 171 -2.49 8.85 11.84
CA ASN C 171 -1.79 7.78 12.54
C ASN C 171 -0.59 8.35 13.29
N TYR C 172 -0.10 7.58 14.25
CA TYR C 172 1.07 7.93 15.04
C TYR C 172 2.00 6.72 15.11
N ASP C 173 3.25 6.98 15.51
CA ASP C 173 4.24 5.91 15.66
C ASP C 173 4.42 5.48 17.11
N LEU C 174 4.59 6.44 18.02
CA LEU C 174 4.76 6.14 19.43
C LEU C 174 4.34 7.36 20.24
N PHE C 175 3.80 7.12 21.44
CA PHE C 175 3.33 8.19 22.29
C PHE C 175 3.75 7.96 23.73
N SER C 176 3.95 9.07 24.45
CA SER C 176 4.45 9.05 25.82
C SER C 176 3.49 9.79 26.74
N ILE C 177 3.16 9.17 27.87
CA ILE C 177 2.34 9.79 28.90
C ILE C 177 3.08 9.66 30.23
N GLY C 178 3.24 10.79 30.93
CA GLY C 178 3.95 10.80 32.20
C GLY C 178 5.43 10.54 32.05
N GLU C 179 5.88 9.38 32.51
CA GLU C 179 7.27 8.96 32.36
C GLU C 179 7.42 7.63 31.66
N ASP C 180 6.34 6.89 31.44
CA ASP C 180 6.39 5.61 30.73
C ASP C 180 6.15 5.86 29.25
N PHE C 181 7.00 5.27 28.41
CA PHE C 181 6.91 5.44 26.97
C PHE C 181 6.23 4.25 26.33
N TYR C 182 5.39 4.51 25.35
CA TYR C 182 4.59 3.49 24.68
C TYR C 182 4.86 3.57 23.18
N ILE C 183 4.86 2.41 22.51
CA ILE C 183 5.14 2.38 21.08
C ILE C 183 3.98 1.68 20.37
N LYS C 184 3.82 2.01 19.09
CA LYS C 184 2.88 1.32 18.22
C LYS C 184 3.56 0.67 17.04
N ASN C 185 4.43 1.40 16.35
CA ASN C 185 5.19 0.88 15.21
C ASN C 185 6.61 0.60 15.66
N HIS C 186 6.95 -0.68 15.79
CA HIS C 186 8.28 -1.07 16.23
C HIS C 186 9.34 -0.94 15.13
N LYS C 187 8.91 -0.88 13.87
CA LYS C 187 9.86 -0.82 12.76
C LYS C 187 10.59 0.51 12.73
N THR C 188 9.89 1.62 12.91
CA THR C 188 10.55 2.92 12.94
C THR C 188 11.39 3.10 14.19
N LEU C 189 10.99 2.45 15.30
CA LEU C 189 11.85 2.41 16.48
C LEU C 189 13.15 1.68 16.20
N GLU C 190 13.07 0.56 15.50
CA GLU C 190 14.26 -0.24 15.23
C GLU C 190 15.15 0.37 14.16
N THR C 191 14.58 1.15 13.23
CA THR C 191 15.35 1.63 12.10
C THR C 191 15.69 3.13 12.16
N GLN C 192 15.10 3.90 13.07
CA GLN C 192 15.35 5.34 13.09
C GLN C 192 16.16 5.79 14.31
N MET C 193 15.67 5.54 15.53
CA MET C 193 16.32 6.13 16.70
C MET C 193 17.35 5.19 17.34
N LYS C 194 18.21 4.60 16.50
CA LYS C 194 19.45 3.90 16.90
C LYS C 194 19.18 2.80 17.94
N PHE C 195 18.33 1.85 17.57
CA PHE C 195 17.94 0.77 18.47
C PHE C 195 18.52 -0.57 18.09
N HIS C 196 18.92 -0.73 16.82
CA HIS C 196 19.40 -2.01 16.32
C HIS C 196 20.66 -2.46 17.04
N GLN C 197 21.52 -1.52 17.45
CA GLN C 197 22.72 -1.88 18.20
C GLN C 197 22.36 -2.46 19.56
N VAL C 198 21.32 -1.92 20.21
CA VAL C 198 20.86 -2.49 21.48
C VAL C 198 20.27 -3.88 21.26
N ILE C 199 19.57 -4.08 20.13
CA ILE C 199 19.00 -5.40 19.85
C ILE C 199 20.11 -6.43 19.57
N GLU C 200 21.16 -6.04 18.84
CA GLU C 200 22.27 -6.97 18.65
C GLU C 200 23.08 -7.18 19.93
N ALA C 201 23.11 -6.18 20.82
CA ALA C 201 23.78 -6.40 22.11
C ALA C 201 23.04 -7.43 22.95
N GLN C 202 21.71 -7.35 22.98
CA GLN C 202 20.92 -8.38 23.66
C GLN C 202 21.04 -9.72 22.95
N ALA C 203 21.17 -9.69 21.62
CA ALA C 203 21.33 -10.92 20.85
C ALA C 203 22.65 -11.61 21.15
N VAL C 204 23.74 -10.83 21.28
CA VAL C 204 25.02 -11.47 21.54
C VAL C 204 25.16 -11.89 23.00
N ILE C 205 24.46 -11.21 23.94
CA ILE C 205 24.49 -11.75 25.30
C ILE C 205 23.62 -13.01 25.40
N ALA C 206 22.55 -13.09 24.59
CA ALA C 206 21.78 -14.33 24.50
C ALA C 206 22.60 -15.45 23.88
N LEU C 207 23.41 -15.12 22.87
CA LEU C 207 24.26 -16.12 22.23
C LEU C 207 25.39 -16.56 23.16
N ASN C 208 25.88 -15.65 24.01
CA ASN C 208 26.86 -16.02 25.02
C ASN C 208 26.27 -16.99 26.04
N SER C 209 25.05 -16.70 26.51
CA SER C 209 24.39 -17.63 27.42
C SER C 209 23.99 -18.94 26.73
N LEU C 210 23.73 -18.89 25.42
CA LEU C 210 23.40 -20.10 24.67
C LEU C 210 24.61 -20.98 24.46
N ARG C 211 25.78 -20.39 24.21
CA ARG C 211 27.01 -21.20 24.13
C ARG C 211 27.44 -21.65 25.52
N ASP C 212 27.02 -20.94 26.57
CA ASP C 212 27.20 -21.45 27.92
C ASP C 212 26.16 -22.49 28.30
N SER C 213 25.10 -22.66 27.51
CA SER C 213 24.13 -23.72 27.74
C SER C 213 24.60 -25.08 27.23
N LEU C 214 25.52 -25.09 26.25
CA LEU C 214 26.07 -26.30 25.61
C LEU C 214 24.97 -27.18 25.02
N LEU C 215 24.33 -26.64 23.98
CA LEU C 215 23.25 -27.33 23.31
C LEU C 215 23.46 -27.55 21.82
N ILE C 216 24.29 -26.73 21.17
CA ILE C 216 24.44 -26.74 19.71
C ILE C 216 25.90 -26.96 19.36
N GLU C 217 26.16 -27.85 18.40
CA GLU C 217 27.50 -28.00 17.86
C GLU C 217 27.81 -26.97 16.77
N ASP C 218 26.80 -26.28 16.28
CA ASP C 218 26.89 -25.39 15.12
C ASP C 218 26.37 -24.01 15.49
N ILE C 219 26.91 -23.46 16.59
CA ILE C 219 26.56 -22.11 17.05
C ILE C 219 26.97 -21.06 16.03
N SER C 220 27.96 -21.38 15.18
CA SER C 220 28.39 -20.50 14.09
C SER C 220 27.26 -20.19 13.11
N GLY C 221 26.31 -21.10 12.92
CA GLY C 221 25.13 -20.79 12.13
C GLY C 221 24.26 -19.72 12.76
N LEU C 222 24.08 -19.78 14.08
CA LEU C 222 23.30 -18.75 14.76
C LEU C 222 23.99 -17.40 14.75
N GLU C 223 25.31 -17.37 14.94
CA GLU C 223 25.99 -16.08 14.92
C GLU C 223 26.21 -15.57 13.49
N LYS C 224 26.07 -16.44 12.48
CA LYS C 224 26.09 -15.91 11.11
C LYS C 224 24.70 -15.54 10.62
N SER C 225 23.64 -16.01 11.27
CA SER C 225 22.28 -15.63 10.89
C SER C 225 21.67 -14.59 11.81
N SER C 226 22.32 -14.24 12.91
CA SER C 226 21.74 -13.37 13.92
C SER C 226 21.90 -11.88 13.65
N ARG C 227 22.55 -11.48 12.55
CA ARG C 227 22.67 -10.06 12.28
C ARG C 227 21.36 -9.45 11.77
N GLU C 228 20.45 -10.27 11.26
CA GLU C 228 19.13 -9.78 10.91
C GLU C 228 18.32 -9.52 12.18
N ILE C 229 17.55 -8.42 12.18
CA ILE C 229 16.78 -8.05 13.36
C ILE C 229 15.59 -8.99 13.58
N SER C 230 15.14 -9.69 12.53
CA SER C 230 14.04 -10.63 12.66
C SER C 230 14.40 -11.84 13.50
N PHE C 231 15.68 -12.16 13.63
CA PHE C 231 16.14 -13.15 14.59
C PHE C 231 16.67 -12.51 15.87
N ALA C 232 17.16 -11.28 15.77
CA ALA C 232 17.75 -10.62 16.94
C ALA C 232 16.70 -10.21 17.96
N ARG C 233 15.49 -9.86 17.51
CA ARG C 233 14.40 -9.56 18.44
C ARG C 233 13.99 -10.80 19.24
N LYS C 234 13.89 -11.95 18.56
CA LYS C 234 13.59 -13.19 19.25
C LYS C 234 14.73 -13.61 20.16
N LEU C 235 15.97 -13.30 19.78
CA LEU C 235 17.10 -13.58 20.66
C LEU C 235 17.08 -12.70 21.90
N ALA C 236 16.65 -11.44 21.76
CA ALA C 236 16.51 -10.56 22.92
C ALA C 236 15.42 -11.04 23.86
N LYS C 237 14.29 -11.51 23.29
CA LYS C 237 13.24 -12.09 24.10
C LYS C 237 13.69 -13.37 24.80
N ILE C 238 14.52 -14.17 24.12
CA ILE C 238 15.12 -15.35 24.72
C ILE C 238 16.06 -14.95 25.87
N SER C 239 16.80 -13.86 25.69
CA SER C 239 17.73 -13.40 26.71
C SER C 239 17.01 -12.93 27.98
N LYS C 240 15.93 -12.19 27.83
CA LYS C 240 15.35 -11.57 29.02
C LYS C 240 14.10 -12.26 29.55
N HIS C 241 13.20 -12.73 28.70
CA HIS C 241 11.98 -13.40 29.16
C HIS C 241 11.89 -14.78 28.53
N SER C 242 12.49 -15.78 29.18
CA SER C 242 12.41 -17.15 28.75
C SER C 242 12.33 -18.06 29.97
N PRO C 243 11.39 -19.01 29.99
CA PRO C 243 11.33 -19.96 31.11
C PRO C 243 12.19 -21.19 30.86
N VAL C 244 13.08 -21.13 29.88
CA VAL C 244 13.97 -22.22 29.54
C VAL C 244 15.42 -21.89 29.88
N LEU C 245 15.82 -20.64 29.67
CA LEU C 245 17.21 -20.22 29.88
C LEU C 245 17.57 -20.22 31.36
N GLY C 246 18.39 -21.18 31.78
CA GLY C 246 18.83 -21.23 33.16
C GLY C 246 17.79 -21.75 34.13
N LYS C 247 16.65 -22.23 33.65
CA LYS C 247 15.56 -22.72 34.48
C LYS C 247 15.34 -24.22 34.35
N ILE C 248 15.45 -24.75 33.14
CA ILE C 248 15.26 -26.16 32.87
C ILE C 248 16.59 -26.74 32.43
N ASP C 249 16.97 -27.88 33.02
CA ASP C 249 18.22 -28.54 32.67
C ASP C 249 18.15 -29.15 31.27
N THR C 250 19.32 -29.57 30.78
CA THR C 250 19.44 -30.06 29.41
C THR C 250 18.75 -31.40 29.22
N LYS C 251 18.78 -32.27 30.24
CA LYS C 251 18.22 -33.61 30.10
C LYS C 251 16.69 -33.58 30.01
N THR C 252 16.05 -32.67 30.75
CA THR C 252 14.60 -32.53 30.64
C THR C 252 14.21 -31.96 29.29
N ILE C 253 15.03 -31.05 28.73
CA ILE C 253 14.78 -30.50 27.40
C ILE C 253 14.89 -31.60 26.34
N ILE C 254 15.94 -32.43 26.43
CA ILE C 254 16.11 -33.48 25.43
C ILE C 254 15.07 -34.58 25.61
N ASP C 255 14.56 -34.79 26.84
CA ASP C 255 13.46 -35.72 27.03
C ASP C 255 12.17 -35.18 26.46
N TYR C 256 11.96 -33.86 26.55
CA TYR C 256 10.77 -33.26 25.97
C TYR C 256 10.79 -33.31 24.44
N VAL C 257 11.96 -33.09 23.84
CA VAL C 257 12.07 -33.23 22.38
C VAL C 257 11.94 -34.69 21.96
N SER C 258 12.45 -35.62 22.78
CA SER C 258 12.32 -37.04 22.45
C SER C 258 10.87 -37.51 22.56
N GLN C 259 10.11 -36.94 23.50
CA GLN C 259 8.74 -37.39 23.72
C GLN C 259 7.71 -36.64 22.88
N HIS C 260 8.05 -35.49 22.32
CA HIS C 260 7.12 -34.77 21.47
C HIS C 260 7.01 -35.45 20.11
N LYS C 261 5.81 -35.44 19.55
CA LYS C 261 5.52 -36.17 18.31
C LYS C 261 5.66 -35.30 17.07
N TYR C 262 6.06 -34.04 17.21
CA TYR C 262 6.41 -33.21 16.07
C TYR C 262 7.87 -32.76 16.10
N LEU C 263 8.36 -32.33 17.26
CA LEU C 263 9.70 -31.76 17.34
C LEU C 263 10.77 -32.83 17.23
N SER C 264 10.40 -34.10 17.37
CA SER C 264 11.34 -35.18 17.10
C SER C 264 11.59 -35.38 15.61
N ALA C 265 10.71 -34.84 14.75
CA ALA C 265 10.81 -35.03 13.32
C ALA C 265 11.36 -33.81 12.58
N ILE C 266 10.80 -32.62 12.85
CA ILE C 266 11.24 -31.42 12.14
C ILE C 266 12.65 -31.01 12.58
N LEU C 267 12.95 -31.15 13.87
CA LEU C 267 14.25 -30.78 14.41
C LEU C 267 14.96 -32.07 14.82
N GLN C 268 16.13 -32.30 14.23
CA GLN C 268 16.84 -33.56 14.41
C GLN C 268 17.67 -33.54 15.69
N ILE C 269 17.53 -34.59 16.50
CA ILE C 269 18.33 -34.70 17.71
C ILE C 269 19.70 -35.27 17.36
N ASN C 270 20.66 -35.04 18.25
CA ASN C 270 22.02 -35.53 18.03
C ASN C 270 22.09 -37.04 18.22
N GLU C 271 23.03 -37.67 17.52
CA GLU C 271 23.26 -39.10 17.66
C GLU C 271 23.79 -39.44 19.04
N ALA C 272 24.68 -38.60 19.58
CA ALA C 272 25.13 -38.79 20.96
C ALA C 272 24.02 -38.49 21.95
N GLY C 273 23.15 -37.52 21.63
CA GLY C 273 22.00 -37.21 22.45
C GLY C 273 22.24 -36.19 23.55
N ASP C 274 23.48 -35.80 23.79
CA ASP C 274 23.76 -34.81 24.83
C ASP C 274 23.41 -33.40 24.38
N LYS C 275 23.48 -33.13 23.08
CA LYS C 275 23.22 -31.81 22.53
C LYS C 275 22.12 -31.90 21.48
N LEU C 276 21.87 -30.78 20.79
CA LEU C 276 20.83 -30.70 19.77
C LEU C 276 21.46 -30.38 18.43
N LEU C 277 20.99 -31.06 17.38
CA LEU C 277 21.59 -30.97 16.05
C LEU C 277 20.72 -30.08 15.16
N ILE C 278 21.00 -28.78 15.16
CA ILE C 278 20.34 -27.84 14.28
C ILE C 278 21.36 -27.28 13.29
N LYS C 279 20.99 -27.27 12.03
CA LYS C 279 21.82 -26.63 11.01
C LYS C 279 21.04 -25.70 10.09
N THR C 280 19.81 -26.07 9.73
CA THR C 280 19.09 -25.38 8.69
C THR C 280 18.32 -24.17 9.24
N LYS C 281 17.76 -23.38 8.32
CA LYS C 281 17.04 -22.18 8.73
C LYS C 281 15.71 -22.51 9.38
N THR C 282 14.99 -23.50 8.85
CA THR C 282 13.73 -23.90 9.46
C THR C 282 13.96 -24.60 10.80
N SER C 283 15.08 -25.32 10.93
CA SER C 283 15.47 -25.88 12.22
C SER C 283 15.82 -24.78 13.20
N GLN C 284 16.46 -23.71 12.73
CA GLN C 284 16.77 -22.55 13.57
C GLN C 284 15.48 -21.89 14.06
N LYS C 285 14.51 -21.72 13.17
CA LYS C 285 13.26 -21.06 13.54
C LYS C 285 12.44 -21.91 14.51
N HIS C 286 12.37 -23.22 14.27
CA HIS C 286 11.65 -24.09 15.20
C HIS C 286 12.37 -24.23 16.53
N PHE C 287 13.70 -24.15 16.52
CA PHE C 287 14.49 -24.13 17.75
C PHE C 287 14.20 -22.89 18.58
N ILE C 288 14.15 -21.73 17.92
CA ILE C 288 13.84 -20.47 18.59
C ILE C 288 12.40 -20.48 19.13
N LYS C 289 11.46 -21.00 18.33
CA LYS C 289 10.07 -21.08 18.79
C LYS C 289 9.89 -22.08 19.93
N LEU C 290 10.70 -23.14 19.96
CA LEU C 290 10.63 -24.10 21.06
C LEU C 290 11.16 -23.49 22.36
N MET C 291 12.28 -22.77 22.28
CA MET C 291 12.88 -22.30 23.52
C MET C 291 12.21 -21.04 24.07
N SER C 292 11.28 -20.44 23.33
CA SER C 292 10.42 -19.39 23.88
C SER C 292 9.12 -19.94 24.42
N ASP C 293 8.97 -21.26 24.46
CA ASP C 293 7.79 -21.99 24.94
C ASP C 293 6.52 -21.58 24.17
N ASP C 294 6.58 -21.74 22.85
CA ASP C 294 5.46 -21.46 21.98
C ASP C 294 4.68 -22.69 21.58
N TYR C 295 5.05 -23.88 22.08
CA TYR C 295 4.35 -25.12 21.77
C TYR C 295 3.53 -25.52 22.98
N LEU C 296 2.21 -25.44 22.85
CA LEU C 296 1.30 -25.56 23.98
C LEU C 296 0.19 -26.52 23.64
N GLN C 297 -0.56 -26.92 24.68
CA GLN C 297 -1.74 -27.75 24.51
C GLN C 297 -2.75 -27.42 25.58
N SER C 298 -4.00 -27.80 25.33
CA SER C 298 -5.07 -27.65 26.30
C SER C 298 -5.40 -28.99 26.93
N ASP C 299 -6.40 -28.98 27.82
CA ASP C 299 -6.88 -30.20 28.44
C ASP C 299 -8.18 -30.69 27.81
N LEU C 300 -8.90 -29.82 27.10
CA LEU C 300 -10.15 -30.20 26.45
C LEU C 300 -9.89 -30.96 25.16
N THR C 301 -9.23 -30.34 24.19
CA THR C 301 -9.02 -30.95 22.90
C THR C 301 -7.73 -31.76 22.83
N LYS C 302 -6.75 -31.42 23.68
CA LYS C 302 -5.44 -32.09 23.76
C LYS C 302 -4.70 -32.11 22.42
N ILE C 303 -4.79 -31.00 21.70
CA ILE C 303 -4.06 -30.81 20.44
C ILE C 303 -2.89 -29.89 20.71
N ILE C 304 -1.75 -30.19 20.08
CA ILE C 304 -0.57 -29.35 20.28
C ILE C 304 -0.75 -28.07 19.47
N TYR C 305 -0.73 -26.94 20.15
CA TYR C 305 -0.95 -25.64 19.53
C TYR C 305 0.36 -24.87 19.47
N MET C 306 0.64 -24.27 18.31
CA MET C 306 1.78 -23.37 18.14
C MET C 306 1.28 -21.95 18.24
N SER C 307 1.83 -21.19 19.19
CA SER C 307 1.37 -19.84 19.46
C SER C 307 2.31 -18.82 18.83
N ILE C 308 1.73 -17.85 18.12
CA ILE C 308 2.53 -16.77 17.54
C ILE C 308 2.75 -15.67 18.56
N ALA C 309 1.68 -15.20 19.19
CA ALA C 309 1.75 -14.13 20.18
C ALA C 309 1.11 -14.64 21.47
N LYS C 310 1.92 -15.28 22.31
CA LYS C 310 1.45 -15.82 23.57
C LYS C 310 1.34 -14.73 24.62
N ASP C 311 0.75 -15.07 25.76
CA ASP C 311 0.59 -14.13 26.85
C ASP C 311 0.51 -14.91 28.16
N ARG C 312 1.18 -14.39 29.18
CA ARG C 312 1.16 -15.04 30.49
C ARG C 312 -0.18 -14.83 31.18
N LEU C 313 -0.59 -15.80 31.98
CA LEU C 313 -1.85 -15.77 32.70
C LEU C 313 -1.70 -15.56 34.20
N ASP C 314 -0.64 -16.10 34.80
CA ASP C 314 -0.44 -16.03 36.24
C ASP C 314 -0.10 -14.62 36.72
N GLU C 315 0.69 -13.87 35.96
CA GLU C 315 1.03 -12.50 36.35
C GLU C 315 -0.14 -11.57 36.10
#